data_1UJN
#
_entry.id   1UJN
#
_cell.length_a   63.403
_cell.length_b   71.787
_cell.length_c   71.636
_cell.angle_alpha   90.00
_cell.angle_beta   99.44
_cell.angle_gamma   90.00
#
_symmetry.space_group_name_H-M   'P 1 21 1'
#
loop_
_entity.id
_entity.type
_entity.pdbx_description
1 polymer 'dehydroquinate synthase'
2 water water
#
_entity_poly.entity_id   1
_entity_poly.type   'polypeptide(L)'
_entity_poly.pdbx_seq_one_letter_code
;MQRLEVREPVPYPILVGEGVLKEVPPLAGPAALLFDRRVEGFAQEVAKALGVRHLLGLPGGEAAKSLEVYGKVLSWLAEK
GLPRNATLLVVGGGTLTDLGGFVAATYLRGVAYLAFPTTTLAIVDASVGGKTGINLPEGKNLVGAFHFPQGVYAELRALK
TLPLPTFKEGLVEAFKHGLIAGDEALLKVEDLTPQSPRLEAFLARAVAVKVRVTEEDPLEKGKRRLLNLGHTLGHALEAQ
TRHALPHGMAVAYGLLYAALLGRALGGEDLLPPVRRLLLWLSPPPLPPLAFEDLLPYLLRDKKKVSESLHWVVPLAPGRL
VVRPLPEGLLREAFAAWREELKGLGLLR
;
_entity_poly.pdbx_strand_id   A,B
#
# COMPACT_ATOMS: atom_id res chain seq x y z
N MET A 1 -19.29 -14.42 24.76
CA MET A 1 -18.88 -13.48 23.67
C MET A 1 -18.18 -12.26 24.27
N GLN A 2 -16.97 -12.00 23.81
CA GLN A 2 -16.20 -10.86 24.29
C GLN A 2 -16.06 -9.84 23.18
N ARG A 3 -16.31 -8.58 23.48
CA ARG A 3 -16.18 -7.54 22.46
C ARG A 3 -15.15 -6.52 22.91
N LEU A 4 -14.08 -6.40 22.13
CA LEU A 4 -13.03 -5.44 22.41
C LEU A 4 -13.08 -4.39 21.31
N GLU A 5 -12.46 -3.25 21.56
CA GLU A 5 -12.44 -2.19 20.57
C GLU A 5 -11.08 -1.57 20.40
N VAL A 6 -10.67 -1.40 19.15
CA VAL A 6 -9.42 -0.74 18.83
C VAL A 6 -9.93 0.64 18.46
N ARG A 7 -9.29 1.67 19.00
CA ARG A 7 -9.74 3.04 18.72
C ARG A 7 -8.83 3.80 17.76
N GLU A 8 -7.53 3.62 17.91
CA GLU A 8 -6.56 4.33 17.08
C GLU A 8 -5.57 3.37 16.41
N PRO A 9 -5.07 3.75 15.21
CA PRO A 9 -5.42 4.97 14.49
C PRO A 9 -6.75 4.90 13.76
N VAL A 10 -7.26 3.69 13.60
CA VAL A 10 -8.54 3.45 12.92
C VAL A 10 -9.36 2.52 13.82
N PRO A 11 -10.61 2.92 14.13
CA PRO A 11 -11.45 2.08 14.99
C PRO A 11 -12.12 0.88 14.35
N TYR A 12 -12.17 -0.21 15.11
CA TYR A 12 -12.81 -1.45 14.68
C TYR A 12 -12.95 -2.37 15.88
N PRO A 13 -13.96 -3.24 15.86
CA PRO A 13 -14.22 -4.19 16.94
C PRO A 13 -13.51 -5.53 16.74
N ILE A 14 -13.22 -6.20 17.84
CA ILE A 14 -12.61 -7.52 17.83
C ILE A 14 -13.52 -8.38 18.69
N LEU A 15 -14.15 -9.37 18.08
CA LEU A 15 -15.06 -10.27 18.80
C LEU A 15 -14.39 -11.60 19.02
N VAL A 16 -14.51 -12.15 20.22
CA VAL A 16 -13.93 -13.45 20.54
C VAL A 16 -14.97 -14.26 21.31
N GLY A 17 -15.39 -15.39 20.74
CA GLY A 17 -16.38 -16.21 21.42
C GLY A 17 -17.03 -17.21 20.48
N GLU A 18 -18.16 -17.77 20.90
CA GLU A 18 -18.86 -18.74 20.07
C GLU A 18 -20.10 -18.07 19.48
N GLY A 19 -20.16 -18.04 18.16
CA GLY A 19 -21.27 -17.41 17.48
C GLY A 19 -20.92 -15.99 17.06
N VAL A 20 -19.66 -15.76 16.71
CA VAL A 20 -19.24 -14.42 16.30
C VAL A 20 -19.89 -13.95 14.99
N LEU A 21 -20.27 -14.87 14.12
CA LEU A 21 -20.89 -14.48 12.85
C LEU A 21 -22.14 -13.63 13.01
N LYS A 22 -22.90 -13.87 14.08
CA LYS A 22 -24.12 -13.12 14.34
C LYS A 22 -23.80 -11.65 14.63
N GLU A 23 -22.55 -11.39 15.03
CA GLU A 23 -22.12 -10.03 15.37
C GLU A 23 -21.56 -9.24 14.20
N VAL A 24 -21.42 -9.87 13.05
CA VAL A 24 -20.86 -9.17 11.88
C VAL A 24 -21.92 -8.28 11.23
N PRO A 25 -21.60 -7.00 10.99
CA PRO A 25 -22.59 -6.15 10.35
C PRO A 25 -22.86 -6.67 8.94
N PRO A 26 -24.14 -6.74 8.53
CA PRO A 26 -24.46 -7.24 7.19
C PRO A 26 -23.68 -6.42 6.16
N LEU A 27 -23.19 -7.08 5.12
CA LEU A 27 -22.42 -6.42 4.08
C LEU A 27 -23.25 -5.38 3.32
N ALA A 28 -22.64 -4.23 3.04
CA ALA A 28 -23.32 -3.15 2.34
C ALA A 28 -22.92 -3.05 0.86
N GLY A 29 -22.11 -3.99 0.39
CA GLY A 29 -21.70 -3.97 -0.99
C GLY A 29 -21.19 -5.33 -1.43
N PRO A 30 -20.60 -5.44 -2.63
CA PRO A 30 -20.10 -6.72 -3.10
C PRO A 30 -19.02 -7.27 -2.17
N ALA A 31 -18.72 -8.57 -2.31
CA ALA A 31 -17.72 -9.19 -1.44
C ALA A 31 -17.11 -10.46 -2.04
N ALA A 32 -15.98 -10.86 -1.48
CA ALA A 32 -15.28 -12.06 -1.89
C ALA A 32 -14.65 -12.61 -0.62
N LEU A 33 -14.43 -13.92 -0.57
CA LEU A 33 -13.87 -14.53 0.62
C LEU A 33 -12.68 -15.41 0.27
N LEU A 34 -11.55 -15.16 0.94
CA LEU A 34 -10.31 -15.89 0.76
C LEU A 34 -10.15 -16.75 2.02
N PHE A 35 -9.82 -18.03 1.84
CA PHE A 35 -9.68 -18.91 3.01
C PHE A 35 -8.59 -19.97 2.91
N ASP A 36 -8.13 -20.42 4.08
CA ASP A 36 -7.12 -21.47 4.20
C ASP A 36 -7.91 -22.76 3.98
N ARG A 37 -7.51 -23.58 3.00
CA ARG A 37 -8.21 -24.83 2.72
C ARG A 37 -8.49 -25.64 3.99
N ARG A 38 -7.61 -25.52 4.98
CA ARG A 38 -7.75 -26.22 6.25
C ARG A 38 -9.06 -25.96 6.97
N VAL A 39 -9.64 -24.78 6.77
CA VAL A 39 -10.88 -24.44 7.44
C VAL A 39 -12.01 -24.10 6.46
N GLU A 40 -12.07 -24.83 5.35
CA GLU A 40 -13.10 -24.59 4.37
C GLU A 40 -14.50 -24.70 4.95
N GLY A 41 -14.69 -25.67 5.85
CA GLY A 41 -15.99 -25.85 6.47
C GLY A 41 -16.51 -24.56 7.08
N PHE A 42 -15.69 -23.94 7.91
CA PHE A 42 -16.05 -22.69 8.56
C PHE A 42 -16.15 -21.58 7.53
N ALA A 43 -15.25 -21.60 6.55
CA ALA A 43 -15.24 -20.59 5.49
C ALA A 43 -16.58 -20.59 4.75
N GLN A 44 -17.09 -21.78 4.46
CA GLN A 44 -18.38 -21.89 3.77
C GLN A 44 -19.50 -21.40 4.67
N GLU A 45 -19.35 -21.58 5.98
CA GLU A 45 -20.38 -21.14 6.92
C GLU A 45 -20.39 -19.60 6.95
N VAL A 46 -19.20 -19.01 6.96
CA VAL A 46 -19.08 -17.56 6.98
C VAL A 46 -19.73 -17.01 5.69
N ALA A 47 -19.39 -17.62 4.56
CA ALA A 47 -19.92 -17.21 3.27
C ALA A 47 -21.44 -17.29 3.23
N LYS A 48 -21.99 -18.41 3.68
CA LYS A 48 -23.44 -18.59 3.68
C LYS A 48 -24.16 -17.60 4.58
N ALA A 49 -23.62 -17.37 5.77
CA ALA A 49 -24.24 -16.44 6.72
C ALA A 49 -24.29 -14.99 6.21
N LEU A 50 -23.24 -14.57 5.52
CA LEU A 50 -23.16 -13.20 5.04
C LEU A 50 -23.54 -12.98 3.57
N GLY A 51 -23.87 -14.05 2.87
CA GLY A 51 -24.27 -13.93 1.47
C GLY A 51 -23.13 -13.73 0.48
N VAL A 52 -21.96 -14.26 0.80
CA VAL A 52 -20.81 -14.12 -0.10
C VAL A 52 -20.82 -15.26 -1.12
N ARG A 53 -20.70 -14.90 -2.39
CA ARG A 53 -20.78 -15.89 -3.47
C ARG A 53 -19.41 -16.22 -4.12
N HIS A 54 -18.41 -15.35 -3.93
CA HIS A 54 -17.10 -15.58 -4.51
C HIS A 54 -16.12 -16.03 -3.44
N LEU A 55 -15.64 -17.27 -3.56
CA LEU A 55 -14.71 -17.84 -2.59
C LEU A 55 -13.48 -18.44 -3.27
N LEU A 56 -12.32 -18.26 -2.65
CA LEU A 56 -11.07 -18.80 -3.18
C LEU A 56 -10.29 -19.41 -2.03
N GLY A 57 -9.97 -20.70 -2.16
CA GLY A 57 -9.23 -21.42 -1.14
C GLY A 57 -7.75 -21.44 -1.46
N LEU A 58 -6.93 -21.35 -0.42
CA LEU A 58 -5.49 -21.35 -0.59
C LEU A 58 -4.82 -22.19 0.48
N PRO A 59 -3.66 -22.75 0.16
CA PRO A 59 -2.98 -23.56 1.19
C PRO A 59 -2.39 -22.54 2.17
N GLY A 60 -2.48 -22.84 3.46
CA GLY A 60 -1.91 -21.94 4.45
C GLY A 60 -0.42 -22.12 4.47
N GLY A 61 0.26 -21.50 5.42
CA GLY A 61 1.70 -21.65 5.47
C GLY A 61 2.41 -20.49 4.78
N GLU A 62 3.73 -20.45 4.91
CA GLU A 62 4.52 -19.38 4.33
C GLU A 62 4.46 -19.27 2.80
N ALA A 63 4.14 -20.37 2.13
CA ALA A 63 4.05 -20.38 0.67
C ALA A 63 2.95 -19.44 0.18
N ALA A 64 1.96 -19.19 1.02
CA ALA A 64 0.86 -18.29 0.66
C ALA A 64 1.31 -16.83 0.64
N LYS A 65 2.39 -16.54 1.35
CA LYS A 65 2.90 -15.17 1.40
C LYS A 65 3.99 -14.97 0.35
N SER A 66 3.57 -15.02 -0.91
CA SER A 66 4.50 -14.87 -2.03
C SER A 66 3.92 -13.97 -3.11
N LEU A 67 4.79 -13.45 -3.98
CA LEU A 67 4.37 -12.59 -5.06
C LEU A 67 3.44 -13.33 -6.01
N GLU A 68 3.69 -14.61 -6.20
CA GLU A 68 2.88 -15.41 -7.10
C GLU A 68 1.44 -15.54 -6.62
N VAL A 69 1.26 -15.85 -5.34
CA VAL A 69 -0.08 -16.02 -4.80
C VAL A 69 -0.79 -14.66 -4.74
N TYR A 70 -0.01 -13.62 -4.44
CA TYR A 70 -0.51 -12.25 -4.36
C TYR A 70 -1.10 -11.87 -5.71
N GLY A 71 -0.34 -12.11 -6.77
CA GLY A 71 -0.81 -11.78 -8.11
C GLY A 71 -2.03 -12.59 -8.49
N LYS A 72 -2.05 -13.86 -8.09
CA LYS A 72 -3.17 -14.75 -8.39
C LYS A 72 -4.46 -14.25 -7.74
N VAL A 73 -4.39 -13.88 -6.47
CA VAL A 73 -5.56 -13.40 -5.76
C VAL A 73 -6.06 -12.09 -6.38
N LEU A 74 -5.15 -11.18 -6.69
CA LEU A 74 -5.55 -9.91 -7.30
C LEU A 74 -6.27 -10.12 -8.64
N SER A 75 -5.72 -10.98 -9.49
CA SER A 75 -6.35 -11.24 -10.78
C SER A 75 -7.70 -11.92 -10.60
N TRP A 76 -7.82 -12.72 -9.53
CA TRP A 76 -9.06 -13.42 -9.24
C TRP A 76 -10.14 -12.38 -8.94
N LEU A 77 -9.80 -11.39 -8.12
CA LEU A 77 -10.74 -10.32 -7.78
C LEU A 77 -11.10 -9.50 -9.02
N ALA A 78 -10.09 -9.14 -9.80
CA ALA A 78 -10.28 -8.36 -11.01
C ALA A 78 -11.20 -9.09 -11.97
N GLU A 79 -10.94 -10.37 -12.17
CA GLU A 79 -11.76 -11.20 -13.06
C GLU A 79 -13.24 -11.13 -12.74
N LYS A 80 -13.58 -11.10 -11.45
CA LYS A 80 -14.98 -11.04 -11.04
C LYS A 80 -15.53 -9.62 -11.14
N GLY A 81 -14.66 -8.66 -11.39
CA GLY A 81 -15.09 -7.27 -11.52
C GLY A 81 -15.46 -6.62 -10.20
N LEU A 82 -14.88 -7.08 -9.10
CA LEU A 82 -15.19 -6.48 -7.80
C LEU A 82 -14.78 -5.01 -7.76
N PRO A 83 -15.71 -4.13 -7.39
CA PRO A 83 -15.48 -2.68 -7.30
C PRO A 83 -14.81 -2.23 -6.00
N ARG A 84 -14.51 -0.93 -5.94
CA ARG A 84 -13.83 -0.31 -4.81
C ARG A 84 -14.63 -0.38 -3.49
N ASN A 85 -15.95 -0.57 -3.57
CA ASN A 85 -16.73 -0.65 -2.34
C ASN A 85 -16.92 -2.09 -1.90
N ALA A 86 -16.14 -2.99 -2.50
CA ALA A 86 -16.21 -4.41 -2.14
C ALA A 86 -15.49 -4.66 -0.81
N THR A 87 -15.82 -5.77 -0.18
CA THR A 87 -15.20 -6.17 1.07
C THR A 87 -14.58 -7.54 0.90
N LEU A 88 -13.34 -7.70 1.35
CA LEU A 88 -12.66 -8.99 1.25
C LEU A 88 -12.71 -9.64 2.64
N LEU A 89 -13.27 -10.85 2.71
CA LEU A 89 -13.34 -11.57 3.98
C LEU A 89 -12.17 -12.55 3.98
N VAL A 90 -11.44 -12.61 5.09
CA VAL A 90 -10.29 -13.50 5.16
C VAL A 90 -10.41 -14.47 6.31
N VAL A 91 -10.45 -15.76 5.98
CA VAL A 91 -10.63 -16.80 6.99
C VAL A 91 -9.40 -17.71 7.02
N GLY A 92 -8.66 -17.67 8.13
CA GLY A 92 -7.47 -18.49 8.26
C GLY A 92 -6.56 -17.98 9.34
N GLY A 93 -5.32 -18.45 9.33
CA GLY A 93 -4.36 -18.04 10.33
C GLY A 93 -3.57 -16.81 9.90
N GLY A 94 -2.46 -16.55 10.60
CA GLY A 94 -1.62 -15.40 10.32
C GLY A 94 -1.17 -15.20 8.88
N THR A 95 -0.80 -16.28 8.21
CA THR A 95 -0.34 -16.17 6.84
C THR A 95 -1.46 -15.71 5.92
N LEU A 96 -2.68 -16.16 6.18
CA LEU A 96 -3.82 -15.77 5.36
C LEU A 96 -4.20 -14.32 5.57
N THR A 97 -4.16 -13.86 6.82
CA THR A 97 -4.51 -12.47 7.06
C THR A 97 -3.39 -11.57 6.55
N ASP A 98 -2.15 -12.05 6.61
CA ASP A 98 -1.00 -11.29 6.11
C ASP A 98 -1.19 -11.08 4.60
N LEU A 99 -1.41 -12.17 3.87
CA LEU A 99 -1.60 -12.11 2.43
C LEU A 99 -2.89 -11.37 2.07
N GLY A 100 -4.01 -11.83 2.64
CA GLY A 100 -5.31 -11.22 2.37
C GLY A 100 -5.40 -9.75 2.73
N GLY A 101 -4.76 -9.36 3.83
CA GLY A 101 -4.79 -7.97 4.24
C GLY A 101 -4.02 -7.10 3.26
N PHE A 102 -2.94 -7.64 2.72
CA PHE A 102 -2.12 -6.91 1.76
C PHE A 102 -2.84 -6.79 0.41
N VAL A 103 -3.55 -7.85 0.03
CA VAL A 103 -4.33 -7.83 -1.21
C VAL A 103 -5.40 -6.73 -1.04
N ALA A 104 -6.07 -6.71 0.10
CA ALA A 104 -7.09 -5.70 0.36
C ALA A 104 -6.50 -4.29 0.36
N ALA A 105 -5.30 -4.16 0.93
CA ALA A 105 -4.65 -2.85 1.00
C ALA A 105 -4.28 -2.28 -0.36
N THR A 106 -4.09 -3.15 -1.35
CA THR A 106 -3.65 -2.70 -2.65
C THR A 106 -4.58 -2.88 -3.84
N TYR A 107 -5.59 -3.74 -3.72
CA TYR A 107 -6.53 -3.95 -4.82
C TYR A 107 -7.27 -2.63 -4.99
N LEU A 108 -7.21 -2.07 -6.21
CA LEU A 108 -7.84 -0.77 -6.51
C LEU A 108 -7.39 0.30 -5.53
N ARG A 109 -6.18 0.13 -5.01
CA ARG A 109 -5.54 1.03 -4.06
C ARG A 109 -6.16 0.95 -2.67
N GLY A 110 -6.90 -0.13 -2.40
CA GLY A 110 -7.46 -0.30 -1.08
C GLY A 110 -8.95 -0.52 -0.93
N VAL A 111 -9.30 -1.66 -0.37
CA VAL A 111 -10.70 -2.01 -0.09
C VAL A 111 -10.77 -2.53 1.33
N ALA A 112 -11.96 -2.51 1.91
CA ALA A 112 -12.15 -2.99 3.27
C ALA A 112 -12.00 -4.50 3.37
N TYR A 113 -11.56 -4.97 4.53
CA TYR A 113 -11.48 -6.41 4.73
C TYR A 113 -11.87 -6.76 6.15
N LEU A 114 -12.44 -7.96 6.30
CA LEU A 114 -12.86 -8.47 7.59
C LEU A 114 -12.01 -9.70 7.86
N ALA A 115 -11.53 -9.81 9.08
CA ALA A 115 -10.68 -10.93 9.45
C ALA A 115 -11.42 -11.94 10.33
N PHE A 116 -11.25 -13.22 10.01
CA PHE A 116 -11.84 -14.31 10.80
C PHE A 116 -10.69 -15.24 11.13
N PRO A 117 -9.91 -14.88 12.17
CA PRO A 117 -8.77 -15.70 12.58
C PRO A 117 -9.16 -17.10 13.04
N THR A 118 -8.38 -18.09 12.63
CA THR A 118 -8.66 -19.47 12.99
C THR A 118 -7.51 -20.16 13.74
N THR A 119 -6.58 -19.36 14.25
CA THR A 119 -5.45 -19.89 15.02
C THR A 119 -5.31 -18.98 16.24
N THR A 120 -4.67 -19.48 17.30
CA THR A 120 -4.49 -18.64 18.48
C THR A 120 -3.51 -17.50 18.19
N LEU A 121 -2.48 -17.79 17.43
CA LEU A 121 -1.49 -16.77 17.09
C LEU A 121 -2.16 -15.64 16.32
N ALA A 122 -3.09 -15.97 15.42
CA ALA A 122 -3.76 -14.94 14.63
C ALA A 122 -4.69 -14.11 15.52
N ILE A 123 -5.31 -14.76 16.51
CA ILE A 123 -6.20 -14.05 17.42
C ILE A 123 -5.42 -13.11 18.34
N VAL A 124 -4.37 -13.65 18.96
CA VAL A 124 -3.54 -12.90 19.91
C VAL A 124 -2.61 -11.87 19.30
N ASP A 125 -2.08 -12.16 18.13
CA ASP A 125 -1.11 -11.26 17.51
C ASP A 125 -1.55 -10.52 16.25
N ALA A 126 -2.22 -11.21 15.32
CA ALA A 126 -2.62 -10.57 14.08
C ALA A 126 -3.84 -9.64 14.12
N SER A 127 -4.62 -9.68 15.21
CA SER A 127 -5.82 -8.85 15.33
C SER A 127 -5.57 -7.37 15.57
N VAL A 128 -4.35 -7.04 15.99
CA VAL A 128 -3.97 -5.66 16.28
C VAL A 128 -2.65 -5.30 15.61
N GLY A 129 -2.55 -4.06 15.12
CA GLY A 129 -1.31 -3.63 14.49
C GLY A 129 -1.38 -3.27 13.01
N GLY A 130 -2.35 -3.85 12.32
CA GLY A 130 -2.52 -3.56 10.90
C GLY A 130 -1.42 -4.06 9.98
N LYS A 131 -0.51 -4.89 10.49
CA LYS A 131 0.57 -5.39 9.67
C LYS A 131 0.12 -6.44 8.66
N THR A 132 0.41 -6.21 7.38
CA THR A 132 0.06 -7.16 6.33
C THR A 132 1.27 -7.25 5.42
N GLY A 133 1.33 -8.27 4.58
CA GLY A 133 2.46 -8.38 3.68
C GLY A 133 2.82 -9.78 3.23
N ILE A 134 3.89 -9.88 2.44
CA ILE A 134 4.34 -11.15 1.92
C ILE A 134 5.87 -11.23 2.01
N ASN A 135 6.42 -12.37 1.61
CA ASN A 135 7.87 -12.58 1.64
C ASN A 135 8.48 -12.45 0.26
N LEU A 136 9.81 -12.36 0.23
CA LEU A 136 10.58 -12.29 -1.00
C LEU A 136 11.70 -13.31 -0.82
N PRO A 137 12.34 -13.73 -1.93
CA PRO A 137 13.42 -14.71 -1.81
C PRO A 137 14.52 -14.17 -0.90
N GLU A 138 14.67 -12.83 -0.90
CA GLU A 138 15.68 -12.17 -0.09
C GLU A 138 15.34 -12.10 1.40
N GLY A 139 14.11 -12.43 1.75
CA GLY A 139 13.76 -12.39 3.16
C GLY A 139 12.28 -12.37 3.48
N LYS A 140 11.96 -12.70 4.73
CA LYS A 140 10.58 -12.73 5.20
C LYS A 140 10.05 -11.33 5.43
N ASN A 141 8.75 -11.16 5.15
CA ASN A 141 8.05 -9.89 5.37
C ASN A 141 8.78 -8.62 4.93
N LEU A 142 9.16 -8.56 3.66
CA LEU A 142 9.87 -7.38 3.17
C LEU A 142 8.99 -6.49 2.31
N VAL A 143 7.77 -6.95 2.03
CA VAL A 143 6.82 -6.19 1.22
C VAL A 143 5.48 -6.24 1.93
N GLY A 144 4.82 -5.10 2.06
CA GLY A 144 3.54 -5.13 2.74
C GLY A 144 2.88 -3.79 2.83
N ALA A 145 2.00 -3.67 3.82
CA ALA A 145 1.27 -2.44 4.03
C ALA A 145 0.59 -2.46 5.38
N PHE A 146 0.45 -1.28 5.97
CA PHE A 146 -0.27 -1.18 7.23
C PHE A 146 -1.71 -0.92 6.78
N HIS A 147 -2.56 -1.91 6.98
CA HIS A 147 -3.96 -1.81 6.57
C HIS A 147 -4.77 -2.53 7.64
N PHE A 148 -5.64 -1.77 8.31
CA PHE A 148 -6.43 -2.33 9.40
C PHE A 148 -7.75 -2.93 8.96
N PRO A 149 -8.15 -4.03 9.61
CA PRO A 149 -9.41 -4.67 9.26
C PRO A 149 -10.57 -3.79 9.75
N GLN A 150 -11.72 -3.98 9.13
CA GLN A 150 -12.92 -3.25 9.48
C GLN A 150 -13.55 -3.94 10.69
N GLY A 151 -13.07 -5.15 10.96
CA GLY A 151 -13.56 -5.93 12.08
C GLY A 151 -12.81 -7.26 12.16
N VAL A 152 -12.71 -7.81 13.36
CA VAL A 152 -12.04 -9.12 13.56
C VAL A 152 -13.03 -9.99 14.32
N TYR A 153 -13.29 -11.18 13.79
CA TYR A 153 -14.25 -12.10 14.40
C TYR A 153 -13.62 -13.46 14.59
N ALA A 154 -13.28 -13.75 15.85
CA ALA A 154 -12.63 -15.00 16.24
C ALA A 154 -13.62 -16.02 16.79
N GLU A 155 -13.99 -16.97 15.93
CA GLU A 155 -14.93 -18.02 16.28
C GLU A 155 -14.15 -19.12 16.95
N LEU A 156 -14.31 -19.26 18.27
CA LEU A 156 -13.58 -20.26 19.02
C LEU A 156 -13.88 -21.70 18.57
N ARG A 157 -15.08 -21.93 18.03
CA ARG A 157 -15.39 -23.27 17.58
C ARG A 157 -14.43 -23.71 16.48
N ALA A 158 -13.77 -22.73 15.86
CA ALA A 158 -12.81 -23.03 14.80
C ALA A 158 -11.46 -23.51 15.32
N LEU A 159 -11.14 -23.20 16.57
CA LEU A 159 -9.86 -23.60 17.16
C LEU A 159 -9.78 -25.07 17.56
N LYS A 160 -10.92 -25.75 17.58
CA LYS A 160 -10.95 -27.14 17.98
C LYS A 160 -10.25 -28.12 17.04
N THR A 161 -10.16 -27.77 15.76
CA THR A 161 -9.50 -28.62 14.78
C THR A 161 -8.02 -28.27 14.65
N LEU A 162 -7.60 -27.28 15.42
CA LEU A 162 -6.22 -26.80 15.37
C LEU A 162 -5.24 -27.76 16.05
N PRO A 163 -4.12 -28.09 15.37
CA PRO A 163 -3.13 -29.00 15.96
C PRO A 163 -2.71 -28.42 17.31
N LEU A 164 -2.56 -29.27 18.32
CA LEU A 164 -2.19 -28.79 19.64
C LEU A 164 -0.92 -27.93 19.68
N PRO A 165 0.15 -28.33 18.96
CA PRO A 165 1.37 -27.52 18.97
C PRO A 165 1.15 -26.10 18.46
N THR A 166 0.34 -25.98 17.41
CA THR A 166 0.00 -24.69 16.82
C THR A 166 -0.87 -23.91 17.79
N PHE A 167 -1.78 -24.62 18.45
CA PHE A 167 -2.65 -23.99 19.44
C PHE A 167 -1.80 -23.36 20.53
N LYS A 168 -0.80 -24.10 20.99
CA LYS A 168 0.09 -23.61 22.05
C LYS A 168 1.00 -22.47 21.61
N GLU A 169 1.40 -22.47 20.35
CA GLU A 169 2.26 -21.39 19.85
C GLU A 169 1.63 -20.04 20.15
N GLY A 170 0.32 -19.94 19.92
CA GLY A 170 -0.38 -18.69 20.17
C GLY A 170 -0.41 -18.32 21.64
N LEU A 171 -0.47 -19.33 22.51
CA LEU A 171 -0.51 -19.06 23.94
C LEU A 171 0.83 -18.47 24.40
N VAL A 172 1.89 -18.73 23.65
CA VAL A 172 3.20 -18.20 24.00
C VAL A 172 3.19 -16.68 23.85
N GLU A 173 2.56 -16.21 22.77
CA GLU A 173 2.45 -14.79 22.51
C GLU A 173 1.64 -14.09 23.61
N ALA A 174 0.62 -14.79 24.10
CA ALA A 174 -0.22 -14.24 25.16
C ALA A 174 0.63 -14.13 26.43
N PHE A 175 1.43 -15.16 26.66
CA PHE A 175 2.33 -15.22 27.81
C PHE A 175 3.25 -14.01 27.75
N LYS A 176 3.75 -13.72 26.55
CA LYS A 176 4.63 -12.59 26.33
C LYS A 176 3.94 -11.29 26.75
N HIS A 177 2.67 -11.14 26.35
CA HIS A 177 1.91 -9.94 26.72
C HIS A 177 1.81 -9.85 28.24
N GLY A 178 1.74 -11.01 28.88
CA GLY A 178 1.65 -11.06 30.33
C GLY A 178 2.88 -10.44 30.97
N LEU A 179 4.04 -10.79 30.45
CA LEU A 179 5.30 -10.26 30.96
C LEU A 179 5.40 -8.76 30.67
N ILE A 180 4.92 -8.35 29.50
CA ILE A 180 4.97 -6.94 29.11
C ILE A 180 4.06 -6.06 29.95
N ALA A 181 2.81 -6.50 30.15
CA ALA A 181 1.84 -5.74 30.92
C ALA A 181 1.93 -5.95 32.43
N GLY A 182 2.47 -7.08 32.85
CA GLY A 182 2.57 -7.38 34.27
C GLY A 182 1.29 -8.06 34.69
N ASP A 183 0.62 -8.69 33.72
CA ASP A 183 -0.62 -9.40 33.96
C ASP A 183 -0.35 -10.87 34.27
N GLU A 184 -0.37 -11.20 35.56
CA GLU A 184 -0.12 -12.57 36.02
C GLU A 184 -1.07 -13.60 35.41
N ALA A 185 -2.29 -13.17 35.10
CA ALA A 185 -3.29 -14.06 34.53
C ALA A 185 -2.87 -14.63 33.17
N LEU A 186 -2.15 -13.82 32.39
CA LEU A 186 -1.71 -14.26 31.09
C LEU A 186 -0.52 -15.22 31.13
N LEU A 187 0.05 -15.42 32.32
CA LEU A 187 1.18 -16.33 32.47
C LEU A 187 0.66 -17.72 32.82
N LYS A 188 -0.63 -17.83 33.08
CA LYS A 188 -1.28 -19.09 33.45
C LYS A 188 -1.86 -19.77 32.21
N VAL A 189 -1.10 -20.71 31.64
CA VAL A 189 -1.51 -21.41 30.42
C VAL A 189 -1.50 -22.94 30.47
N GLU A 190 -0.76 -23.50 31.43
CA GLU A 190 -0.62 -24.96 31.56
C GLU A 190 -1.88 -25.81 31.40
N ASP A 191 -3.03 -25.27 31.78
CA ASP A 191 -4.29 -26.02 31.70
C ASP A 191 -5.10 -25.78 30.44
N LEU A 192 -4.78 -24.70 29.73
CA LEU A 192 -5.51 -24.33 28.52
C LEU A 192 -5.48 -25.32 27.37
N THR A 193 -6.65 -25.53 26.77
CA THR A 193 -6.81 -26.42 25.63
C THR A 193 -7.93 -25.82 24.80
N PRO A 194 -8.09 -26.25 23.55
CA PRO A 194 -9.16 -25.72 22.69
C PRO A 194 -10.53 -25.81 23.35
N GLN A 195 -10.67 -26.73 24.30
CA GLN A 195 -11.95 -26.92 24.99
C GLN A 195 -12.08 -26.17 26.31
N SER A 196 -10.95 -25.73 26.88
CA SER A 196 -10.97 -25.00 28.15
C SER A 196 -12.08 -23.96 28.18
N PRO A 197 -13.03 -24.09 29.11
CA PRO A 197 -14.12 -23.11 29.20
C PRO A 197 -13.65 -21.70 29.54
N ARG A 198 -12.46 -21.58 30.10
CA ARG A 198 -11.92 -20.27 30.45
C ARG A 198 -11.06 -19.68 29.32
N LEU A 199 -10.97 -20.40 28.21
CA LEU A 199 -10.18 -19.93 27.08
C LEU A 199 -10.65 -18.59 26.52
N GLU A 200 -11.96 -18.44 26.33
CA GLU A 200 -12.49 -17.19 25.80
C GLU A 200 -11.99 -15.97 26.57
N ALA A 201 -12.13 -16.00 27.89
CA ALA A 201 -11.70 -14.88 28.73
C ALA A 201 -10.18 -14.68 28.65
N PHE A 202 -9.43 -15.77 28.55
CA PHE A 202 -7.98 -15.69 28.47
C PHE A 202 -7.56 -15.00 27.16
N LEU A 203 -8.15 -15.43 26.05
CA LEU A 203 -7.80 -14.83 24.76
C LEU A 203 -8.19 -13.37 24.68
N ALA A 204 -9.36 -13.03 25.23
CA ALA A 204 -9.82 -11.65 25.22
C ALA A 204 -8.84 -10.81 26.04
N ARG A 205 -8.36 -11.37 27.14
CA ARG A 205 -7.42 -10.65 27.98
C ARG A 205 -6.10 -10.44 27.22
N ALA A 206 -5.68 -11.46 26.49
CA ALA A 206 -4.43 -11.38 25.73
C ALA A 206 -4.50 -10.28 24.66
N VAL A 207 -5.61 -10.23 23.93
CA VAL A 207 -5.77 -9.22 22.89
C VAL A 207 -5.83 -7.82 23.49
N ALA A 208 -6.52 -7.70 24.62
CA ALA A 208 -6.66 -6.40 25.27
C ALA A 208 -5.31 -5.79 25.62
N VAL A 209 -4.32 -6.62 25.95
CA VAL A 209 -3.00 -6.10 26.28
C VAL A 209 -2.31 -5.48 25.07
N LYS A 210 -2.39 -6.14 23.91
CA LYS A 210 -1.75 -5.58 22.74
C LYS A 210 -2.47 -4.31 22.30
N VAL A 211 -3.78 -4.26 22.52
CA VAL A 211 -4.53 -3.06 22.16
C VAL A 211 -4.00 -1.85 22.95
N ARG A 212 -3.87 -2.02 24.26
CA ARG A 212 -3.39 -0.93 25.12
C ARG A 212 -1.99 -0.44 24.76
N VAL A 213 -1.04 -1.35 24.71
CA VAL A 213 0.33 -1.01 24.38
C VAL A 213 0.44 -0.29 23.03
N THR A 214 -0.32 -0.77 22.06
CA THR A 214 -0.32 -0.20 20.73
C THR A 214 -0.86 1.23 20.65
N GLU A 215 -1.93 1.51 21.40
CA GLU A 215 -2.52 2.84 21.39
C GLU A 215 -1.73 3.88 22.17
N GLU A 216 -1.06 3.45 23.24
CA GLU A 216 -0.28 4.37 24.05
C GLU A 216 0.99 4.81 23.32
N ASP A 217 1.51 3.93 22.46
CA ASP A 217 2.74 4.24 21.73
C ASP A 217 2.63 3.89 20.25
N PRO A 218 1.96 4.73 19.45
CA PRO A 218 1.82 4.46 18.02
C PRO A 218 3.10 4.74 17.23
N LEU A 219 4.11 5.31 17.90
CA LEU A 219 5.38 5.68 17.26
C LEU A 219 6.51 4.71 17.61
N GLU A 220 6.22 3.65 18.34
CA GLU A 220 7.23 2.69 18.78
C GLU A 220 8.43 3.36 19.44
N LYS A 221 8.16 4.36 20.27
CA LYS A 221 9.22 5.06 20.99
C LYS A 221 9.07 4.74 22.47
N GLY A 222 8.07 3.93 22.78
CA GLY A 222 7.82 3.55 24.16
C GLY A 222 7.47 2.07 24.32
N LYS A 223 6.33 1.82 24.95
CA LYS A 223 5.86 0.47 25.22
C LYS A 223 5.73 -0.46 24.00
N ARG A 224 5.35 0.10 22.86
CA ARG A 224 5.16 -0.68 21.65
C ARG A 224 6.36 -1.57 21.27
N ARG A 225 7.57 -1.08 21.47
CA ARG A 225 8.68 -1.94 21.07
C ARG A 225 8.98 -3.00 22.12
N LEU A 226 8.21 -3.02 23.20
CA LEU A 226 8.34 -4.06 24.21
C LEU A 226 7.73 -5.35 23.67
N LEU A 227 6.92 -5.22 22.62
CA LEU A 227 6.28 -6.38 21.99
C LEU A 227 7.35 -7.26 21.34
N ASN A 228 8.55 -6.72 21.20
CA ASN A 228 9.64 -7.47 20.61
C ASN A 228 10.40 -8.30 21.64
N LEU A 229 9.81 -8.45 22.83
CA LEU A 229 10.42 -9.23 23.89
C LEU A 229 10.64 -10.66 23.41
N GLY A 230 11.88 -11.13 23.52
CA GLY A 230 12.21 -12.49 23.11
C GLY A 230 12.36 -12.69 21.61
N HIS A 231 12.17 -11.62 20.83
CA HIS A 231 12.26 -11.72 19.38
C HIS A 231 13.65 -11.55 18.77
N THR A 232 14.58 -10.96 19.50
CA THR A 232 15.94 -10.78 18.97
C THR A 232 16.61 -12.13 18.81
N LEU A 233 16.58 -12.94 19.87
CA LEU A 233 17.17 -14.27 19.78
C LEU A 233 16.23 -15.17 18.98
N GLY A 234 14.93 -14.97 19.17
CA GLY A 234 13.96 -15.78 18.46
C GLY A 234 14.16 -15.72 16.95
N HIS A 235 14.32 -14.49 16.45
CA HIS A 235 14.53 -14.28 15.03
C HIS A 235 15.79 -15.00 14.55
N ALA A 236 16.84 -14.92 15.37
CA ALA A 236 18.12 -15.56 15.05
C ALA A 236 17.98 -17.07 14.96
N LEU A 237 17.18 -17.65 15.85
CA LEU A 237 16.97 -19.10 15.86
C LEU A 237 16.16 -19.53 14.65
N GLU A 238 15.14 -18.75 14.31
CA GLU A 238 14.32 -19.07 13.15
C GLU A 238 15.17 -19.05 11.89
N ALA A 239 16.09 -18.09 11.82
CA ALA A 239 16.96 -17.96 10.65
C ALA A 239 17.95 -19.11 10.56
N GLN A 240 18.55 -19.48 11.70
CA GLN A 240 19.53 -20.56 11.70
C GLN A 240 18.91 -21.92 11.37
N THR A 241 17.65 -22.11 11.75
CA THR A 241 16.97 -23.37 11.47
C THR A 241 16.32 -23.37 10.09
N ARG A 242 16.63 -22.35 9.30
CA ARG A 242 16.05 -22.22 7.96
C ARG A 242 14.53 -22.14 8.07
N HIS A 243 14.08 -21.61 9.19
CA HIS A 243 12.66 -21.42 9.46
C HIS A 243 11.88 -22.68 9.75
N ALA A 244 12.59 -23.76 10.08
CA ALA A 244 11.93 -25.01 10.42
C ALA A 244 11.30 -24.82 11.80
N LEU A 245 11.96 -24.04 12.65
CA LEU A 245 11.46 -23.78 14.01
C LEU A 245 10.28 -22.81 13.95
N PRO A 246 9.08 -23.26 14.36
CA PRO A 246 7.89 -22.40 14.34
C PRO A 246 8.11 -21.10 15.13
N HIS A 247 7.53 -20.01 14.65
CA HIS A 247 7.68 -18.71 15.30
C HIS A 247 7.41 -18.70 16.80
N GLY A 248 6.29 -19.28 17.21
CA GLY A 248 5.95 -19.31 18.63
C GLY A 248 6.97 -20.05 19.48
N MET A 249 7.55 -21.11 18.91
CA MET A 249 8.55 -21.88 19.64
C MET A 249 9.80 -21.04 19.80
N ALA A 250 10.16 -20.32 18.74
CA ALA A 250 11.34 -19.47 18.76
C ALA A 250 11.16 -18.38 19.82
N VAL A 251 9.96 -17.83 19.91
CA VAL A 251 9.69 -16.80 20.90
C VAL A 251 9.87 -17.35 22.30
N ALA A 252 9.37 -18.56 22.54
CA ALA A 252 9.49 -19.18 23.86
C ALA A 252 10.96 -19.28 24.25
N TYR A 253 11.80 -19.71 23.31
CA TYR A 253 13.24 -19.83 23.55
C TYR A 253 13.83 -18.45 23.83
N GLY A 254 13.35 -17.44 23.09
CA GLY A 254 13.83 -16.08 23.27
C GLY A 254 13.42 -15.51 24.63
N LEU A 255 12.28 -15.95 25.13
CA LEU A 255 11.79 -15.49 26.43
C LEU A 255 12.70 -15.99 27.55
N LEU A 256 13.21 -17.21 27.41
CA LEU A 256 14.11 -17.75 28.41
C LEU A 256 15.39 -16.92 28.42
N TYR A 257 15.87 -16.57 27.23
CA TYR A 257 17.08 -15.78 27.12
C TYR A 257 16.87 -14.41 27.75
N ALA A 258 15.74 -13.79 27.45
CA ALA A 258 15.40 -12.48 27.98
C ALA A 258 15.37 -12.53 29.51
N ALA A 259 14.77 -13.60 30.04
CA ALA A 259 14.70 -13.78 31.47
C ALA A 259 16.10 -13.86 32.09
N LEU A 260 17.02 -14.53 31.39
CA LEU A 260 18.39 -14.63 31.89
C LEU A 260 19.12 -13.28 31.84
N LEU A 261 18.82 -12.49 30.83
CA LEU A 261 19.43 -11.16 30.72
C LEU A 261 18.92 -10.31 31.90
N GLY A 262 17.63 -10.44 32.18
CA GLY A 262 17.04 -9.69 33.27
C GLY A 262 17.65 -10.06 34.61
N ARG A 263 17.88 -11.35 34.81
CA ARG A 263 18.46 -11.83 36.05
C ARG A 263 19.86 -11.26 36.25
N ALA A 264 20.66 -11.29 35.18
CA ALA A 264 22.02 -10.78 35.23
C ALA A 264 22.08 -9.30 35.54
N LEU A 265 21.04 -8.56 35.15
CA LEU A 265 20.98 -7.12 35.39
C LEU A 265 20.30 -6.78 36.71
N GLY A 266 20.16 -7.77 37.58
CA GLY A 266 19.55 -7.54 38.89
C GLY A 266 18.03 -7.51 38.93
N GLY A 267 17.39 -8.04 37.89
CA GLY A 267 15.93 -8.05 37.88
C GLY A 267 15.39 -9.18 38.74
N GLU A 268 14.07 -9.21 38.92
CA GLU A 268 13.44 -10.26 39.71
C GLU A 268 13.60 -11.57 38.95
N ASP A 269 13.52 -12.69 39.67
CA ASP A 269 13.67 -14.00 39.05
C ASP A 269 12.43 -14.36 38.24
N LEU A 270 12.58 -14.41 36.92
CA LEU A 270 11.47 -14.74 36.03
C LEU A 270 11.66 -16.08 35.34
N LEU A 271 12.67 -16.83 35.78
CA LEU A 271 12.95 -18.14 35.19
C LEU A 271 11.88 -19.19 35.46
N PRO A 272 11.32 -19.22 36.69
CA PRO A 272 10.29 -20.22 36.98
C PRO A 272 9.11 -20.19 36.01
N PRO A 273 8.48 -19.01 35.82
CA PRO A 273 7.34 -18.92 34.90
C PRO A 273 7.70 -19.39 33.50
N VAL A 274 8.88 -19.00 33.02
CA VAL A 274 9.33 -19.37 31.68
C VAL A 274 9.68 -20.85 31.59
N ARG A 275 10.27 -21.42 32.65
CA ARG A 275 10.60 -22.84 32.62
C ARG A 275 9.30 -23.63 32.48
N ARG A 276 8.30 -23.24 33.27
CA ARG A 276 6.99 -23.88 33.23
C ARG A 276 6.45 -23.85 31.80
N LEU A 277 6.51 -22.67 31.20
CA LEU A 277 6.03 -22.45 29.84
C LEU A 277 6.68 -23.43 28.87
N LEU A 278 8.00 -23.56 28.96
CA LEU A 278 8.76 -24.45 28.08
C LEU A 278 8.47 -25.93 28.25
N LEU A 279 8.18 -26.36 29.49
CA LEU A 279 7.87 -27.77 29.74
C LEU A 279 6.50 -28.08 29.18
N TRP A 280 5.56 -27.17 29.38
CA TRP A 280 4.20 -27.33 28.89
C TRP A 280 4.20 -27.26 27.36
N LEU A 281 5.04 -26.38 26.81
CA LEU A 281 5.12 -26.18 25.37
C LEU A 281 5.75 -27.33 24.60
N SER A 282 6.80 -27.92 25.16
CA SER A 282 7.54 -29.01 24.52
C SER A 282 8.02 -28.58 23.15
N PRO A 283 8.83 -27.52 23.09
CA PRO A 283 9.36 -27.01 21.82
C PRO A 283 10.33 -28.01 21.19
N PRO A 284 10.45 -27.97 19.85
CA PRO A 284 11.37 -28.91 19.20
C PRO A 284 12.83 -28.61 19.56
N PRO A 285 13.63 -29.66 19.82
CA PRO A 285 15.04 -29.51 20.17
C PRO A 285 15.79 -28.68 19.14
N LEU A 286 16.76 -27.90 19.60
CA LEU A 286 17.54 -27.04 18.72
C LEU A 286 18.86 -27.66 18.29
N PRO A 287 19.42 -27.19 17.16
CA PRO A 287 20.69 -27.69 16.63
C PRO A 287 21.81 -27.01 17.41
N PRO A 288 23.00 -27.63 17.47
CA PRO A 288 24.07 -26.97 18.20
C PRO A 288 24.30 -25.55 17.72
N LEU A 289 24.56 -24.65 18.66
CA LEU A 289 24.77 -23.25 18.33
C LEU A 289 25.82 -22.61 19.24
N ALA A 290 26.70 -21.82 18.65
CA ALA A 290 27.75 -21.14 19.40
C ALA A 290 27.48 -19.65 19.38
N PHE A 291 27.91 -18.97 20.43
CA PHE A 291 27.68 -17.53 20.52
C PHE A 291 28.29 -16.81 19.32
N GLU A 292 29.44 -17.29 18.86
CA GLU A 292 30.13 -16.68 17.72
C GLU A 292 29.34 -16.82 16.42
N ASP A 293 28.61 -17.92 16.28
CA ASP A 293 27.82 -18.16 15.08
C ASP A 293 26.44 -17.51 15.23
N LEU A 294 26.19 -16.92 16.38
CA LEU A 294 24.92 -16.25 16.66
C LEU A 294 24.95 -14.81 16.17
N LEU A 295 26.01 -14.10 16.54
CA LEU A 295 26.20 -12.70 16.17
C LEU A 295 25.65 -12.33 14.79
N PRO A 296 25.97 -13.13 13.76
CA PRO A 296 25.49 -12.83 12.40
C PRO A 296 23.99 -12.54 12.36
N TYR A 297 23.20 -13.39 13.01
CA TYR A 297 21.75 -13.22 13.02
C TYR A 297 21.30 -12.13 13.99
N LEU A 298 22.21 -11.66 14.84
CA LEU A 298 21.89 -10.62 15.79
C LEU A 298 22.22 -9.23 15.24
N SER A 308 24.94 -1.26 18.93
CA SER A 308 24.01 -1.07 17.83
C SER A 308 22.64 -1.72 18.11
N LEU A 309 22.70 -2.98 18.59
CA LEU A 309 21.46 -3.69 18.85
C LEU A 309 20.88 -3.36 20.22
N HIS A 310 19.54 -3.30 20.27
CA HIS A 310 18.87 -3.07 21.54
C HIS A 310 18.03 -4.30 21.93
N TRP A 311 18.08 -4.71 23.19
CA TRP A 311 17.31 -5.87 23.64
C TRP A 311 16.21 -5.45 24.61
N VAL A 312 15.08 -6.15 24.55
CA VAL A 312 13.98 -5.87 25.47
C VAL A 312 14.27 -6.77 26.66
N VAL A 313 14.61 -6.17 27.79
CA VAL A 313 14.94 -6.91 29.00
C VAL A 313 13.86 -6.79 30.06
N PRO A 314 13.29 -7.91 30.50
CA PRO A 314 12.24 -7.89 31.52
C PRO A 314 12.87 -7.96 32.91
N LEU A 315 12.80 -6.85 33.65
CA LEU A 315 13.37 -6.81 35.00
C LEU A 315 12.35 -7.31 36.01
N ALA A 316 11.07 -7.20 35.63
CA ALA A 316 9.96 -7.65 36.47
C ALA A 316 8.73 -7.57 35.60
N PRO A 317 7.70 -8.39 35.89
CA PRO A 317 6.49 -8.34 35.06
C PRO A 317 5.98 -6.89 35.00
N GLY A 318 5.81 -6.36 33.80
CA GLY A 318 5.33 -5.00 33.66
C GLY A 318 6.44 -3.96 33.74
N ARG A 319 7.64 -4.39 34.14
CA ARG A 319 8.77 -3.48 34.25
C ARG A 319 9.92 -3.97 33.37
N LEU A 320 9.97 -3.44 32.15
CA LEU A 320 11.01 -3.81 31.20
C LEU A 320 11.80 -2.62 30.70
N VAL A 321 12.98 -2.89 30.16
CA VAL A 321 13.83 -1.85 29.61
C VAL A 321 14.37 -2.28 28.26
N VAL A 322 14.68 -1.29 27.42
CA VAL A 322 15.24 -1.55 26.10
C VAL A 322 16.59 -0.86 26.09
N ARG A 323 17.64 -1.63 25.83
CA ARG A 323 18.99 -1.07 25.84
C ARG A 323 20.02 -2.05 25.30
N PRO A 324 21.24 -1.56 25.01
CA PRO A 324 22.32 -2.39 24.48
C PRO A 324 22.99 -3.09 25.67
N LEU A 325 23.67 -4.20 25.42
CA LEU A 325 24.32 -4.92 26.49
C LEU A 325 25.76 -5.30 26.16
N PRO A 326 26.64 -5.31 27.17
CA PRO A 326 28.04 -5.68 26.91
C PRO A 326 28.07 -7.11 26.36
N GLU A 327 28.85 -7.34 25.30
CA GLU A 327 28.92 -8.66 24.71
C GLU A 327 29.21 -9.72 25.77
N GLY A 328 29.99 -9.34 26.78
CA GLY A 328 30.33 -10.26 27.85
C GLY A 328 29.10 -10.75 28.60
N LEU A 329 28.10 -9.90 28.72
CA LEU A 329 26.86 -10.24 29.41
C LEU A 329 26.03 -11.18 28.54
N LEU A 330 25.96 -10.86 27.25
CA LEU A 330 25.22 -11.68 26.29
C LEU A 330 25.85 -13.07 26.20
N ARG A 331 27.18 -13.09 26.18
CA ARG A 331 27.92 -14.33 26.08
C ARG A 331 27.62 -15.20 27.29
N GLU A 332 27.65 -14.56 28.46
CA GLU A 332 27.39 -15.23 29.73
C GLU A 332 25.97 -15.80 29.75
N ALA A 333 25.01 -14.98 29.34
CA ALA A 333 23.61 -15.39 29.34
C ALA A 333 23.36 -16.52 28.35
N PHE A 334 24.02 -16.47 27.19
CA PHE A 334 23.85 -17.52 26.19
C PHE A 334 24.35 -18.85 26.73
N ALA A 335 25.47 -18.81 27.45
CA ALA A 335 26.03 -20.02 28.04
C ALA A 335 25.06 -20.60 29.05
N ALA A 336 24.48 -19.74 29.88
CA ALA A 336 23.52 -20.20 30.89
C ALA A 336 22.25 -20.68 30.19
N TRP A 337 21.89 -20.00 29.11
CA TRP A 337 20.70 -20.34 28.33
C TRP A 337 20.87 -21.77 27.79
N ARG A 338 22.06 -22.05 27.24
CA ARG A 338 22.35 -23.38 26.71
C ARG A 338 22.21 -24.44 27.80
N GLU A 339 22.79 -24.18 28.97
CA GLU A 339 22.73 -25.13 30.07
C GLU A 339 21.28 -25.33 30.52
N GLU A 340 20.52 -24.25 30.56
CA GLU A 340 19.11 -24.32 30.96
C GLU A 340 18.35 -25.25 30.04
N LEU A 341 18.68 -25.21 28.74
CA LEU A 341 18.01 -26.05 27.75
C LEU A 341 18.55 -27.47 27.75
N LYS A 342 19.86 -27.62 27.92
CA LYS A 342 20.47 -28.94 27.95
C LYS A 342 19.87 -29.71 29.12
N GLY A 343 19.67 -29.01 30.22
CA GLY A 343 19.09 -29.63 31.40
C GLY A 343 17.63 -29.97 31.20
N LEU A 344 17.17 -29.87 29.95
CA LEU A 344 15.79 -30.18 29.60
C LEU A 344 15.76 -31.06 28.35
N GLY A 345 16.93 -31.28 27.78
CA GLY A 345 17.03 -32.11 26.59
C GLY A 345 16.67 -31.39 25.30
N LEU A 346 16.47 -30.08 25.39
CA LEU A 346 16.11 -29.29 24.22
C LEU A 346 17.37 -28.84 23.48
N LEU A 347 18.52 -29.33 23.95
CA LEU A 347 19.80 -29.00 23.34
C LEU A 347 20.85 -30.04 23.71
N MET B 1 12.83 29.78 -11.26
CA MET B 1 12.48 28.59 -10.42
C MET B 1 11.15 28.82 -9.71
N GLN B 2 10.23 27.88 -9.87
CA GLN B 2 8.93 27.97 -9.22
C GLN B 2 8.85 26.94 -8.10
N ARG B 3 8.38 27.37 -6.93
CA ARG B 3 8.25 26.44 -5.82
C ARG B 3 6.81 26.44 -5.36
N LEU B 4 6.13 25.31 -5.55
CA LEU B 4 4.74 25.18 -5.13
C LEU B 4 4.74 24.29 -3.91
N GLU B 5 3.70 24.39 -3.11
CA GLU B 5 3.60 23.61 -1.88
C GLU B 5 2.30 22.84 -1.79
N VAL B 6 2.40 21.54 -1.57
CA VAL B 6 1.20 20.74 -1.35
C VAL B 6 1.16 20.69 0.16
N ARG B 7 -0.01 20.93 0.74
CA ARG B 7 -0.13 20.92 2.19
C ARG B 7 -0.88 19.72 2.75
N GLU B 8 -2.01 19.39 2.11
CA GLU B 8 -2.83 18.29 2.58
C GLU B 8 -2.99 17.19 1.53
N PRO B 9 -3.12 15.93 1.97
CA PRO B 9 -3.11 15.56 3.39
C PRO B 9 -1.68 15.41 3.93
N VAL B 10 -0.72 15.31 3.02
CA VAL B 10 0.68 15.18 3.40
C VAL B 10 1.46 16.27 2.66
N PRO B 11 2.17 17.13 3.40
CA PRO B 11 2.93 18.21 2.77
C PRO B 11 4.22 17.83 2.07
N TYR B 12 4.47 18.49 0.95
CA TYR B 12 5.68 18.29 0.17
C TYR B 12 5.76 19.38 -0.90
N PRO B 13 6.97 19.76 -1.28
CA PRO B 13 7.21 20.79 -2.30
C PRO B 13 7.22 20.26 -3.72
N ILE B 14 6.88 21.13 -4.67
CA ILE B 14 6.93 20.77 -6.08
C ILE B 14 7.76 21.89 -6.71
N LEU B 15 8.91 21.53 -7.25
CA LEU B 15 9.79 22.51 -7.87
C LEU B 15 9.76 22.39 -9.39
N VAL B 16 9.57 23.51 -10.06
CA VAL B 16 9.54 23.51 -11.51
C VAL B 16 10.47 24.60 -12.03
N GLY B 17 11.46 24.20 -12.80
CA GLY B 17 12.41 25.15 -13.36
C GLY B 17 13.72 24.53 -13.79
N GLU B 18 14.73 25.38 -13.98
CA GLU B 18 16.03 24.88 -14.39
C GLU B 18 16.99 24.94 -13.21
N GLY B 19 17.57 23.80 -12.86
CA GLY B 19 18.48 23.74 -11.74
C GLY B 19 17.73 23.30 -10.48
N VAL B 20 16.74 22.43 -10.66
CA VAL B 20 15.96 21.96 -9.52
C VAL B 20 16.75 21.04 -8.57
N LEU B 21 17.78 20.38 -9.08
CA LEU B 21 18.58 19.48 -8.25
C LEU B 21 19.23 20.14 -7.05
N LYS B 22 19.53 21.43 -7.14
CA LYS B 22 20.16 22.14 -6.03
C LYS B 22 19.12 22.39 -4.93
N GLU B 23 17.85 22.31 -5.30
CA GLU B 23 16.76 22.54 -4.37
C GLU B 23 16.44 21.31 -3.50
N VAL B 24 16.94 20.15 -3.89
CA VAL B 24 16.68 18.93 -3.14
C VAL B 24 17.45 18.88 -1.82
N PRO B 25 16.74 18.62 -0.71
CA PRO B 25 17.42 18.55 0.59
C PRO B 25 18.40 17.38 0.59
N PRO B 26 19.60 17.57 1.14
CA PRO B 26 20.56 16.45 1.14
C PRO B 26 19.90 15.19 1.70
N LEU B 27 20.16 14.06 1.07
CA LEU B 27 19.59 12.79 1.50
C LEU B 27 20.07 12.46 2.91
N ALA B 28 19.12 12.29 3.82
CA ALA B 28 19.42 12.00 5.22
C ALA B 28 19.89 10.56 5.47
N GLY B 29 19.52 9.64 4.57
CA GLY B 29 19.92 8.26 4.75
C GLY B 29 20.28 7.56 3.45
N PRO B 30 20.23 6.23 3.42
CA PRO B 30 20.57 5.46 2.22
C PRO B 30 19.56 5.75 1.10
N ALA B 31 19.96 5.51 -0.13
CA ALA B 31 19.07 5.77 -1.27
C ALA B 31 19.33 4.87 -2.46
N ALA B 32 18.35 4.81 -3.35
CA ALA B 32 18.45 4.04 -4.57
C ALA B 32 17.63 4.80 -5.61
N LEU B 33 18.02 4.69 -6.87
CA LEU B 33 17.33 5.42 -7.93
C LEU B 33 16.82 4.50 -9.04
N LEU B 34 15.56 4.70 -9.43
CA LEU B 34 14.93 3.92 -10.49
C LEU B 34 14.74 4.86 -11.66
N PHE B 35 15.12 4.44 -12.87
CA PHE B 35 14.95 5.34 -14.00
C PHE B 35 14.53 4.71 -15.32
N ASP B 36 13.85 5.52 -16.12
CA ASP B 36 13.39 5.14 -17.46
C ASP B 36 14.70 5.06 -18.24
N ARG B 37 15.03 3.88 -18.77
CA ARG B 37 16.32 3.72 -19.44
C ARG B 37 16.54 4.74 -20.58
N ARG B 38 15.47 5.36 -21.08
CA ARG B 38 15.61 6.35 -22.14
C ARG B 38 16.15 7.70 -21.66
N VAL B 39 16.17 7.91 -20.35
CA VAL B 39 16.68 9.17 -19.82
C VAL B 39 17.84 8.94 -18.85
N GLU B 40 18.64 7.91 -19.12
CA GLU B 40 19.78 7.57 -18.27
C GLU B 40 20.71 8.74 -18.02
N GLY B 41 20.94 9.56 -19.05
CA GLY B 41 21.81 10.71 -18.90
C GLY B 41 21.40 11.56 -17.72
N PHE B 42 20.13 11.94 -17.67
CA PHE B 42 19.61 12.76 -16.59
C PHE B 42 19.62 12.01 -15.26
N ALA B 43 19.28 10.73 -15.29
CA ALA B 43 19.27 9.91 -14.08
C ALA B 43 20.66 9.92 -13.43
N GLN B 44 21.70 9.77 -14.25
CA GLN B 44 23.06 9.79 -13.75
C GLN B 44 23.38 11.15 -13.14
N GLU B 45 22.88 12.22 -13.76
CA GLU B 45 23.11 13.55 -13.24
C GLU B 45 22.47 13.65 -11.86
N VAL B 46 21.25 13.14 -11.75
CA VAL B 46 20.54 13.16 -10.47
C VAL B 46 21.32 12.37 -9.43
N ALA B 47 21.74 11.16 -9.78
CA ALA B 47 22.48 10.30 -8.86
C ALA B 47 23.77 10.94 -8.39
N LYS B 48 24.55 11.46 -9.33
CA LYS B 48 25.82 12.09 -9.00
C LYS B 48 25.65 13.31 -8.09
N ALA B 49 24.60 14.09 -8.35
CA ALA B 49 24.34 15.28 -7.55
C ALA B 49 23.97 14.98 -6.11
N LEU B 50 23.18 13.94 -5.90
CA LEU B 50 22.73 13.60 -4.55
C LEU B 50 23.53 12.50 -3.85
N GLY B 51 24.49 11.91 -4.56
CA GLY B 51 25.32 10.88 -3.97
C GLY B 51 24.73 9.47 -3.92
N VAL B 52 23.82 9.17 -4.85
CA VAL B 52 23.20 7.85 -4.89
C VAL B 52 24.07 6.89 -5.71
N ARG B 53 24.29 5.68 -5.19
CA ARG B 53 25.14 4.71 -5.87
C ARG B 53 24.36 3.57 -6.51
N HIS B 54 23.21 3.24 -5.95
CA HIS B 54 22.38 2.15 -6.50
C HIS B 54 21.38 2.69 -7.52
N LEU B 55 21.58 2.31 -8.79
CA LEU B 55 20.69 2.74 -9.89
C LEU B 55 20.16 1.54 -10.65
N LEU B 56 18.88 1.58 -11.01
CA LEU B 56 18.26 0.49 -11.75
C LEU B 56 17.47 1.05 -12.93
N GLY B 57 17.85 0.62 -14.13
CA GLY B 57 17.16 1.08 -15.34
C GLY B 57 15.97 0.19 -15.62
N LEU B 58 14.90 0.80 -16.12
CA LEU B 58 13.67 0.08 -16.42
C LEU B 58 12.97 0.56 -17.67
N PRO B 59 11.96 -0.18 -18.14
CA PRO B 59 11.21 0.22 -19.34
C PRO B 59 10.54 1.53 -18.96
N GLY B 60 10.29 2.39 -19.93
CA GLY B 60 9.68 3.67 -19.61
C GLY B 60 8.18 3.82 -19.84
N GLY B 61 7.53 2.77 -20.32
CA GLY B 61 6.10 2.84 -20.57
C GLY B 61 5.29 1.94 -19.66
N GLU B 62 4.08 1.60 -20.10
CA GLU B 62 3.19 0.75 -19.32
C GLU B 62 3.82 -0.60 -19.01
N ALA B 63 4.78 -1.02 -19.83
CA ALA B 63 5.46 -2.29 -19.63
C ALA B 63 6.13 -2.39 -18.26
N ALA B 64 6.57 -1.25 -17.72
CA ALA B 64 7.24 -1.24 -16.42
C ALA B 64 6.29 -1.57 -15.28
N LYS B 65 5.00 -1.36 -15.51
CA LYS B 65 3.99 -1.61 -14.51
C LYS B 65 3.42 -3.02 -14.50
N SER B 66 4.29 -4.01 -14.43
CA SER B 66 3.86 -5.39 -14.42
C SER B 66 4.20 -5.98 -13.06
N LEU B 67 3.56 -7.08 -12.71
CA LEU B 67 3.85 -7.73 -11.44
C LEU B 67 5.30 -8.21 -11.48
N GLU B 68 5.76 -8.59 -12.67
CA GLU B 68 7.12 -9.07 -12.86
C GLU B 68 8.15 -7.98 -12.51
N VAL B 69 7.97 -6.80 -13.09
CA VAL B 69 8.90 -5.70 -12.85
C VAL B 69 8.82 -5.28 -11.39
N TYR B 70 7.60 -5.19 -10.89
CA TYR B 70 7.37 -4.82 -9.49
C TYR B 70 8.16 -5.78 -8.60
N GLY B 71 8.02 -7.08 -8.85
CA GLY B 71 8.74 -8.07 -8.06
C GLY B 71 10.25 -7.96 -8.21
N LYS B 72 10.72 -7.66 -9.41
CA LYS B 72 12.15 -7.53 -9.66
C LYS B 72 12.74 -6.33 -8.93
N VAL B 73 12.02 -5.21 -8.94
CA VAL B 73 12.50 -4.00 -8.27
C VAL B 73 12.57 -4.21 -6.76
N LEU B 74 11.55 -4.85 -6.18
CA LEU B 74 11.55 -5.11 -4.75
C LEU B 74 12.72 -6.01 -4.32
N SER B 75 12.97 -7.07 -5.08
CA SER B 75 14.08 -7.97 -4.73
C SER B 75 15.42 -7.27 -4.90
N TRP B 76 15.50 -6.37 -5.87
CA TRP B 76 16.72 -5.61 -6.14
C TRP B 76 17.01 -4.70 -4.94
N LEU B 77 15.98 -4.07 -4.39
CA LEU B 77 16.15 -3.21 -3.22
C LEU B 77 16.57 -4.04 -2.02
N ALA B 78 15.89 -5.17 -1.82
CA ALA B 78 16.18 -6.05 -0.70
C ALA B 78 17.61 -6.57 -0.83
N GLU B 79 17.97 -6.89 -2.06
CA GLU B 79 19.30 -7.40 -2.39
C GLU B 79 20.36 -6.41 -1.90
N LYS B 80 20.10 -5.12 -2.11
CA LYS B 80 21.03 -4.09 -1.70
C LYS B 80 20.89 -3.79 -0.20
N GLY B 81 19.86 -4.38 0.41
CA GLY B 81 19.65 -4.18 1.84
C GLY B 81 19.23 -2.79 2.25
N LEU B 82 18.43 -2.13 1.42
CA LEU B 82 17.96 -0.78 1.76
C LEU B 82 17.03 -0.86 2.97
N PRO B 83 17.31 -0.03 4.00
CA PRO B 83 16.50 0.00 5.24
C PRO B 83 15.24 0.86 5.14
N ARG B 84 14.45 0.87 6.22
CA ARG B 84 13.21 1.64 6.24
C ARG B 84 13.38 3.15 6.12
N ASN B 85 14.57 3.66 6.39
CA ASN B 85 14.79 5.10 6.28
C ASN B 85 15.40 5.48 4.95
N ALA B 86 15.42 4.54 4.01
CA ALA B 86 15.98 4.79 2.69
C ALA B 86 15.03 5.65 1.88
N THR B 87 15.55 6.30 0.84
CA THR B 87 14.76 7.14 -0.04
C THR B 87 14.88 6.58 -1.46
N LEU B 88 13.76 6.43 -2.14
CA LEU B 88 13.77 5.94 -3.51
C LEU B 88 13.63 7.15 -4.42
N LEU B 89 14.54 7.33 -5.38
CA LEU B 89 14.44 8.44 -6.31
C LEU B 89 13.90 7.84 -7.60
N VAL B 90 12.86 8.45 -8.16
CA VAL B 90 12.24 7.93 -9.38
C VAL B 90 12.36 8.95 -10.50
N VAL B 91 13.04 8.56 -11.57
CA VAL B 91 13.25 9.47 -12.69
C VAL B 91 12.59 8.95 -13.98
N GLY B 92 11.54 9.65 -14.42
CA GLY B 92 10.86 9.24 -15.64
C GLY B 92 9.47 9.85 -15.78
N GLY B 93 8.66 9.27 -16.66
CA GLY B 93 7.32 9.76 -16.89
C GLY B 93 6.30 9.18 -15.92
N GLY B 94 5.02 9.43 -16.19
CA GLY B 94 3.96 8.95 -15.31
C GLY B 94 3.99 7.47 -14.96
N THR B 95 4.32 6.62 -15.94
CA THR B 95 4.34 5.18 -15.70
C THR B 95 5.45 4.79 -14.73
N LEU B 96 6.57 5.53 -14.78
CA LEU B 96 7.70 5.25 -13.92
C LEU B 96 7.37 5.63 -12.49
N THR B 97 6.69 6.75 -12.28
CA THR B 97 6.34 7.13 -10.92
C THR B 97 5.16 6.28 -10.41
N ASP B 98 4.39 5.72 -11.33
CA ASP B 98 3.29 4.83 -10.94
C ASP B 98 3.95 3.61 -10.32
N LEU B 99 4.88 3.00 -11.05
CA LEU B 99 5.58 1.82 -10.58
C LEU B 99 6.45 2.14 -9.36
N GLY B 100 7.29 3.15 -9.51
CA GLY B 100 8.20 3.53 -8.43
C GLY B 100 7.52 3.94 -7.15
N GLY B 101 6.42 4.68 -7.26
CA GLY B 101 5.72 5.12 -6.08
C GLY B 101 5.04 3.95 -5.39
N PHE B 102 4.63 2.95 -6.17
CA PHE B 102 3.97 1.79 -5.58
C PHE B 102 5.01 0.90 -4.90
N VAL B 103 6.20 0.83 -5.47
CA VAL B 103 7.28 0.05 -4.87
C VAL B 103 7.63 0.73 -3.54
N ALA B 104 7.77 2.05 -3.58
CA ALA B 104 8.09 2.81 -2.36
C ALA B 104 6.98 2.66 -1.32
N ALA B 105 5.74 2.57 -1.77
CA ALA B 105 4.62 2.44 -0.85
C ALA B 105 4.57 1.09 -0.13
N THR B 106 5.14 0.07 -0.74
CA THR B 106 5.07 -1.27 -0.17
C THR B 106 6.37 -1.92 0.29
N TYR B 107 7.50 -1.41 -0.17
CA TYR B 107 8.77 -1.98 0.27
C TYR B 107 8.87 -1.70 1.76
N LEU B 108 9.02 -2.75 2.56
CA LEU B 108 9.10 -2.64 4.02
C LEU B 108 7.87 -1.91 4.57
N ARG B 109 6.76 -2.01 3.82
CA ARG B 109 5.49 -1.38 4.19
C ARG B 109 5.49 0.14 4.03
N GLY B 110 6.48 0.65 3.30
CA GLY B 110 6.52 2.09 3.05
C GLY B 110 7.81 2.83 3.34
N VAL B 111 8.36 3.44 2.29
CA VAL B 111 9.57 4.25 2.42
C VAL B 111 9.35 5.53 1.59
N ALA B 112 10.12 6.55 1.90
CA ALA B 112 10.00 7.83 1.21
C ALA B 112 10.50 7.76 -0.23
N TYR B 113 9.93 8.59 -1.10
CA TYR B 113 10.42 8.64 -2.47
C TYR B 113 10.34 10.06 -3.00
N LEU B 114 11.24 10.36 -3.93
CA LEU B 114 11.32 11.68 -4.57
C LEU B 114 11.08 11.45 -6.05
N ALA B 115 10.25 12.30 -6.64
CA ALA B 115 9.91 12.18 -8.04
C ALA B 115 10.58 13.23 -8.90
N PHE B 116 11.13 12.78 -10.02
CA PHE B 116 11.79 13.66 -10.97
C PHE B 116 11.14 13.41 -12.33
N PRO B 117 9.98 14.04 -12.57
CA PRO B 117 9.24 13.88 -13.83
C PRO B 117 10.00 14.34 -15.06
N THR B 118 9.89 13.57 -16.13
CA THR B 118 10.61 13.89 -17.37
C THR B 118 9.70 14.17 -18.55
N THR B 119 8.42 14.40 -18.29
CA THR B 119 7.45 14.71 -19.34
C THR B 119 6.52 15.81 -18.86
N THR B 120 5.87 16.50 -19.79
CA THR B 120 4.95 17.56 -19.41
C THR B 120 3.71 16.97 -18.76
N LEU B 121 3.26 15.83 -19.25
CA LEU B 121 2.08 15.17 -18.69
C LEU B 121 2.34 14.80 -17.23
N ALA B 122 3.52 14.25 -16.96
CA ALA B 122 3.87 13.85 -15.59
C ALA B 122 3.90 15.06 -14.65
N ILE B 123 4.44 16.18 -15.14
CA ILE B 123 4.51 17.39 -14.34
C ILE B 123 3.11 17.95 -14.04
N VAL B 124 2.28 18.03 -15.07
CA VAL B 124 0.93 18.56 -14.89
C VAL B 124 -0.06 17.64 -14.18
N ASP B 125 0.05 16.33 -14.44
CA ASP B 125 -0.89 15.37 -13.86
C ASP B 125 -0.43 14.41 -12.76
N ALA B 126 0.85 14.11 -12.68
CA ALA B 126 1.34 13.17 -11.68
C ALA B 126 2.02 13.77 -10.47
N SER B 127 2.16 15.10 -10.44
CA SER B 127 2.82 15.74 -9.32
C SER B 127 1.91 15.89 -8.10
N VAL B 128 0.61 15.67 -8.31
CA VAL B 128 -0.39 15.81 -7.25
C VAL B 128 -1.34 14.62 -7.23
N GLY B 129 -1.76 14.20 -6.04
CA GLY B 129 -2.70 13.09 -5.94
C GLY B 129 -2.22 11.80 -5.29
N GLY B 130 -0.90 11.58 -5.30
CA GLY B 130 -0.33 10.38 -4.69
C GLY B 130 -0.76 9.07 -5.32
N LYS B 131 -1.27 9.12 -6.55
CA LYS B 131 -1.71 7.89 -7.21
C LYS B 131 -0.53 7.07 -7.71
N THR B 132 -0.41 5.83 -7.22
CA THR B 132 0.66 4.93 -7.67
C THR B 132 0.03 3.59 -7.96
N GLY B 133 0.72 2.75 -8.73
CA GLY B 133 0.16 1.44 -9.02
C GLY B 133 0.71 0.77 -10.25
N ILE B 134 0.20 -0.43 -10.49
CA ILE B 134 0.62 -1.23 -11.64
C ILE B 134 -0.57 -1.87 -12.34
N ASN B 135 -0.30 -2.63 -13.39
CA ASN B 135 -1.35 -3.27 -14.16
C ASN B 135 -1.45 -4.77 -13.93
N LEU B 136 -2.58 -5.32 -14.34
CA LEU B 136 -2.84 -6.75 -14.24
C LEU B 136 -3.24 -7.21 -15.64
N PRO B 137 -3.14 -8.52 -15.90
CA PRO B 137 -3.52 -9.01 -17.23
C PRO B 137 -4.97 -8.60 -17.50
N GLU B 138 -5.76 -8.51 -16.43
CA GLU B 138 -7.17 -8.16 -16.51
C GLU B 138 -7.47 -6.67 -16.69
N GLY B 139 -6.46 -5.81 -16.58
CA GLY B 139 -6.71 -4.39 -16.76
C GLY B 139 -5.64 -3.50 -16.16
N LYS B 140 -5.53 -2.28 -16.70
CA LYS B 140 -4.53 -1.34 -16.21
C LYS B 140 -4.94 -0.66 -14.90
N ASN B 141 -3.94 -0.33 -14.10
CA ASN B 141 -4.15 0.37 -12.84
C ASN B 141 -5.19 -0.28 -11.92
N LEU B 142 -5.09 -1.58 -11.71
CA LEU B 142 -6.03 -2.27 -10.84
C LEU B 142 -5.41 -2.60 -9.48
N VAL B 143 -4.13 -2.30 -9.33
CA VAL B 143 -3.40 -2.57 -8.09
C VAL B 143 -2.57 -1.33 -7.77
N GLY B 144 -2.56 -0.90 -6.51
CA GLY B 144 -1.75 0.27 -6.21
C GLY B 144 -1.90 0.81 -4.81
N ALA B 145 -1.56 2.07 -4.62
CA ALA B 145 -1.66 2.69 -3.32
C ALA B 145 -1.58 4.20 -3.44
N PHE B 146 -2.15 4.88 -2.45
CA PHE B 146 -2.03 6.33 -2.44
C PHE B 146 -0.80 6.51 -1.55
N HIS B 147 0.27 7.03 -2.14
CA HIS B 147 1.52 7.25 -1.42
C HIS B 147 2.11 8.49 -2.06
N PHE B 148 2.20 9.54 -1.25
CA PHE B 148 2.70 10.82 -1.72
C PHE B 148 4.20 10.95 -1.68
N PRO B 149 4.77 11.61 -2.70
CA PRO B 149 6.21 11.79 -2.73
C PRO B 149 6.62 12.78 -1.66
N GLN B 150 7.88 12.73 -1.28
CA GLN B 150 8.44 13.62 -0.27
C GLN B 150 8.83 14.94 -0.96
N GLY B 151 8.73 14.93 -2.28
CA GLY B 151 9.07 16.10 -3.08
C GLY B 151 9.03 15.77 -4.56
N VAL B 152 8.69 16.76 -5.38
CA VAL B 152 8.66 16.58 -6.82
C VAL B 152 9.57 17.65 -7.39
N TYR B 153 10.55 17.23 -8.18
CA TYR B 153 11.53 18.13 -8.78
C TYR B 153 11.52 17.97 -10.30
N ALA B 154 10.90 18.94 -10.97
CA ALA B 154 10.77 18.91 -12.43
C ALA B 154 11.81 19.78 -13.14
N GLU B 155 12.86 19.11 -13.63
CA GLU B 155 13.94 19.79 -14.33
C GLU B 155 13.54 20.04 -15.78
N LEU B 156 13.28 21.30 -16.10
CA LEU B 156 12.86 21.64 -17.45
C LEU B 156 13.89 21.29 -18.52
N ARG B 157 15.17 21.20 -18.15
CA ARG B 157 16.18 20.85 -19.13
C ARG B 157 15.88 19.47 -19.71
N ALA B 158 15.35 18.58 -18.86
CA ALA B 158 15.03 17.22 -19.29
C ALA B 158 13.92 17.18 -20.36
N LEU B 159 13.17 18.27 -20.48
CA LEU B 159 12.09 18.33 -21.45
C LEU B 159 12.57 18.69 -22.85
N LYS B 160 13.79 19.21 -22.94
CA LYS B 160 14.34 19.63 -24.24
C LYS B 160 14.41 18.49 -25.26
N THR B 161 14.66 17.28 -24.81
CA THR B 161 14.76 16.13 -25.70
C THR B 161 13.44 15.39 -25.91
N LEU B 162 12.36 15.97 -25.38
CA LEU B 162 11.04 15.36 -25.48
C LEU B 162 10.39 15.53 -26.85
N PRO B 163 9.88 14.42 -27.43
CA PRO B 163 9.23 14.49 -28.75
C PRO B 163 8.05 15.46 -28.67
N LEU B 164 7.87 16.28 -29.72
CA LEU B 164 6.80 17.30 -29.74
C LEU B 164 5.40 16.74 -29.38
N PRO B 165 4.97 15.64 -30.01
CA PRO B 165 3.64 15.10 -29.69
C PRO B 165 3.46 14.87 -28.19
N THR B 166 4.45 14.21 -27.59
CA THR B 166 4.41 13.92 -26.17
C THR B 166 4.44 15.23 -25.38
N PHE B 167 5.28 16.16 -25.81
CA PHE B 167 5.38 17.45 -25.16
C PHE B 167 4.02 18.13 -25.13
N LYS B 168 3.30 18.08 -26.26
CA LYS B 168 1.99 18.71 -26.32
C LYS B 168 0.92 18.01 -25.49
N GLU B 169 1.05 16.70 -25.32
CA GLU B 169 0.07 15.95 -24.53
C GLU B 169 -0.10 16.55 -23.15
N GLY B 170 1.02 16.89 -22.51
CA GLY B 170 0.94 17.47 -21.18
C GLY B 170 0.33 18.85 -21.23
N LEU B 171 0.48 19.54 -22.36
CA LEU B 171 -0.08 20.88 -22.50
C LEU B 171 -1.61 20.79 -22.62
N VAL B 172 -2.10 19.68 -23.17
CA VAL B 172 -3.54 19.52 -23.29
C VAL B 172 -4.15 19.44 -21.89
N GLU B 173 -3.48 18.75 -20.98
CA GLU B 173 -4.01 18.64 -19.63
C GLU B 173 -3.95 20.00 -18.94
N ALA B 174 -2.96 20.80 -19.28
CA ALA B 174 -2.86 22.14 -18.72
C ALA B 174 -4.07 22.93 -19.22
N PHE B 175 -4.37 22.76 -20.50
CA PHE B 175 -5.51 23.45 -21.12
C PHE B 175 -6.78 23.04 -20.37
N LYS B 176 -6.90 21.75 -20.08
CA LYS B 176 -8.04 21.23 -19.33
C LYS B 176 -8.14 21.98 -18.01
N HIS B 177 -7.00 22.18 -17.35
CA HIS B 177 -6.97 22.90 -16.07
C HIS B 177 -7.46 24.34 -16.26
N GLY B 178 -7.14 24.91 -17.41
CA GLY B 178 -7.55 26.28 -17.71
C GLY B 178 -9.07 26.38 -17.73
N LEU B 179 -9.72 25.41 -18.37
CA LEU B 179 -11.17 25.42 -18.45
C LEU B 179 -11.81 25.19 -17.10
N ILE B 180 -11.16 24.37 -16.26
CA ILE B 180 -11.68 24.08 -14.93
C ILE B 180 -11.63 25.28 -14.00
N ALA B 181 -10.48 25.97 -14.00
CA ALA B 181 -10.27 27.12 -13.13
C ALA B 181 -10.70 28.45 -13.75
N GLY B 182 -10.95 28.45 -15.06
CA GLY B 182 -11.33 29.68 -15.73
C GLY B 182 -10.13 30.58 -15.92
N ASP B 183 -8.97 29.97 -16.14
CA ASP B 183 -7.74 30.71 -16.33
C ASP B 183 -7.40 30.80 -17.82
N GLU B 184 -7.61 31.97 -18.41
CA GLU B 184 -7.34 32.17 -19.83
C GLU B 184 -5.88 31.95 -20.19
N ALA B 185 -4.98 32.20 -19.25
CA ALA B 185 -3.55 32.02 -19.53
C ALA B 185 -3.22 30.56 -19.86
N LEU B 186 -3.94 29.63 -19.24
CA LEU B 186 -3.69 28.21 -19.48
C LEU B 186 -4.29 27.72 -20.80
N LEU B 187 -5.05 28.59 -21.47
CA LEU B 187 -5.64 28.21 -22.75
C LEU B 187 -4.71 28.63 -23.89
N LYS B 188 -3.72 29.46 -23.58
CA LYS B 188 -2.76 29.91 -24.57
C LYS B 188 -1.55 28.99 -24.59
N VAL B 189 -1.61 27.98 -25.44
CA VAL B 189 -0.54 26.98 -25.55
C VAL B 189 0.22 26.99 -26.88
N GLU B 190 -0.47 27.43 -27.93
CA GLU B 190 0.06 27.48 -29.29
C GLU B 190 1.51 27.92 -29.54
N ASP B 191 2.05 28.75 -28.67
CA ASP B 191 3.42 29.24 -28.86
C ASP B 191 4.45 28.55 -27.97
N LEU B 192 4.02 27.56 -27.19
CA LEU B 192 4.91 26.87 -26.28
C LEU B 192 5.73 25.75 -26.91
N THR B 193 7.02 25.73 -26.60
CA THR B 193 7.94 24.72 -27.09
C THR B 193 8.81 24.35 -25.90
N PRO B 194 9.58 23.25 -26.00
CA PRO B 194 10.44 22.84 -24.89
C PRO B 194 11.45 23.91 -24.45
N GLN B 195 11.72 24.87 -25.34
CA GLN B 195 12.67 25.93 -25.03
C GLN B 195 12.04 27.29 -24.68
N SER B 196 10.70 27.34 -24.66
CA SER B 196 10.03 28.59 -24.33
C SER B 196 10.35 29.01 -22.90
N PRO B 197 10.98 30.18 -22.72
CA PRO B 197 11.33 30.66 -21.37
C PRO B 197 10.07 30.90 -20.56
N ARG B 198 8.94 30.88 -21.26
CA ARG B 198 7.62 31.11 -20.68
C ARG B 198 7.05 29.83 -20.07
N LEU B 199 7.56 28.68 -20.54
CA LEU B 199 7.08 27.38 -20.10
C LEU B 199 7.05 27.16 -18.59
N GLU B 200 8.12 27.57 -17.90
CA GLU B 200 8.21 27.40 -16.46
C GLU B 200 6.99 27.94 -15.71
N ALA B 201 6.63 29.19 -15.97
CA ALA B 201 5.48 29.81 -15.32
C ALA B 201 4.19 29.12 -15.76
N PHE B 202 4.12 28.72 -17.03
CA PHE B 202 2.93 28.06 -17.55
C PHE B 202 2.68 26.76 -16.80
N LEU B 203 3.70 25.91 -16.74
CA LEU B 203 3.59 24.62 -16.05
C LEU B 203 3.26 24.79 -14.57
N ALA B 204 3.88 25.77 -13.92
CA ALA B 204 3.61 26.00 -12.50
C ALA B 204 2.16 26.41 -12.32
N ARG B 205 1.66 27.26 -13.23
CA ARG B 205 0.28 27.71 -13.15
C ARG B 205 -0.66 26.50 -13.30
N ALA B 206 -0.32 25.60 -14.20
CA ALA B 206 -1.16 24.42 -14.43
C ALA B 206 -1.18 23.51 -13.20
N VAL B 207 -0.01 23.30 -12.62
CA VAL B 207 0.11 22.47 -11.43
C VAL B 207 -0.70 23.05 -10.27
N ALA B 208 -0.58 24.36 -10.08
CA ALA B 208 -1.27 25.04 -9.00
C ALA B 208 -2.78 24.82 -9.04
N VAL B 209 -3.34 24.68 -10.24
CA VAL B 209 -4.77 24.44 -10.35
C VAL B 209 -5.16 23.10 -9.72
N LYS B 210 -4.36 22.07 -9.97
CA LYS B 210 -4.66 20.77 -9.40
C LYS B 210 -4.43 20.75 -7.90
N VAL B 211 -3.39 21.45 -7.45
CA VAL B 211 -3.24 21.55 -6.00
C VAL B 211 -4.48 22.15 -5.35
N ARG B 212 -4.94 23.27 -5.92
CA ARG B 212 -6.13 23.93 -5.39
C ARG B 212 -7.31 22.97 -5.27
N VAL B 213 -7.78 22.48 -6.43
CA VAL B 213 -8.94 21.60 -6.43
C VAL B 213 -8.76 20.41 -5.50
N THR B 214 -7.59 19.78 -5.42
CA THR B 214 -7.45 18.59 -4.60
C THR B 214 -7.48 18.88 -3.10
N GLU B 215 -6.92 20.01 -2.69
CA GLU B 215 -6.92 20.36 -1.28
C GLU B 215 -8.26 20.89 -0.78
N GLU B 216 -9.06 21.42 -1.69
CA GLU B 216 -10.38 21.95 -1.34
C GLU B 216 -11.44 20.85 -1.32
N ASP B 217 -11.18 19.76 -2.02
CA ASP B 217 -12.13 18.65 -2.10
C ASP B 217 -11.45 17.28 -1.95
N PRO B 218 -10.99 16.97 -0.74
CA PRO B 218 -10.32 15.70 -0.43
C PRO B 218 -11.13 14.44 -0.76
N LEU B 219 -12.40 14.44 -0.36
CA LEU B 219 -13.27 13.29 -0.58
C LEU B 219 -13.81 13.25 -2.01
N GLU B 220 -13.44 14.23 -2.82
CA GLU B 220 -13.88 14.32 -4.21
C GLU B 220 -15.41 14.30 -4.32
N LYS B 221 -16.06 15.25 -3.64
CA LYS B 221 -17.50 15.35 -3.67
C LYS B 221 -17.88 16.64 -4.38
N GLY B 222 -16.85 17.38 -4.79
CA GLY B 222 -17.08 18.64 -5.48
C GLY B 222 -16.07 18.94 -6.58
N LYS B 223 -15.41 20.09 -6.47
CA LYS B 223 -14.42 20.56 -7.46
C LYS B 223 -13.45 19.47 -7.97
N ARG B 224 -13.07 18.52 -7.12
CA ARG B 224 -12.12 17.48 -7.53
C ARG B 224 -12.57 16.60 -8.69
N ARG B 225 -13.86 16.34 -8.80
CA ARG B 225 -14.35 15.50 -9.90
C ARG B 225 -14.29 16.23 -11.23
N LEU B 226 -14.06 17.54 -11.20
CA LEU B 226 -13.98 18.34 -12.42
C LEU B 226 -12.73 17.96 -13.21
N LEU B 227 -11.78 17.32 -12.54
CA LEU B 227 -10.54 16.90 -13.17
C LEU B 227 -10.80 15.87 -14.28
N ASN B 228 -12.00 15.31 -14.31
CA ASN B 228 -12.35 14.32 -15.33
C ASN B 228 -12.96 14.97 -16.57
N LEU B 229 -12.88 16.28 -16.67
CA LEU B 229 -13.43 16.98 -17.82
C LEU B 229 -12.83 16.39 -19.10
N GLY B 230 -13.70 15.94 -19.99
CA GLY B 230 -13.27 15.37 -21.26
C GLY B 230 -12.81 13.92 -21.26
N HIS B 231 -12.68 13.32 -20.09
CA HIS B 231 -12.20 11.94 -20.01
C HIS B 231 -13.26 10.85 -20.23
N THR B 232 -14.54 11.21 -20.13
CA THR B 232 -15.59 10.22 -20.36
C THR B 232 -15.58 9.77 -21.81
N LEU B 233 -15.68 10.73 -22.74
CA LEU B 233 -15.64 10.39 -24.16
C LEU B 233 -14.21 10.02 -24.52
N GLY B 234 -13.25 10.67 -23.86
CA GLY B 234 -11.85 10.41 -24.13
C GLY B 234 -11.50 8.95 -23.89
N HIS B 235 -11.88 8.45 -22.72
CA HIS B 235 -11.61 7.06 -22.38
C HIS B 235 -12.36 6.17 -23.37
N ALA B 236 -13.59 6.55 -23.68
CA ALA B 236 -14.42 5.78 -24.60
C ALA B 236 -13.72 5.64 -25.94
N LEU B 237 -13.10 6.71 -26.41
CA LEU B 237 -12.39 6.68 -27.69
C LEU B 237 -11.17 5.76 -27.62
N GLU B 238 -10.48 5.78 -26.48
CA GLU B 238 -9.30 4.93 -26.29
C GLU B 238 -9.74 3.48 -26.14
N ALA B 239 -10.65 3.24 -25.20
CA ALA B 239 -11.15 1.90 -24.94
C ALA B 239 -11.97 1.35 -26.09
N GLN B 240 -12.07 2.12 -27.17
CA GLN B 240 -12.83 1.70 -28.34
C GLN B 240 -11.94 1.61 -29.57
N ALA B 244 -5.36 2.46 -29.08
CA ALA B 244 -4.49 2.92 -30.16
C ALA B 244 -4.27 4.43 -30.07
N LEU B 245 -5.27 5.14 -29.54
CA LEU B 245 -5.18 6.60 -29.42
C LEU B 245 -4.58 7.03 -28.07
N PRO B 246 -3.51 7.83 -28.11
CA PRO B 246 -2.87 8.30 -26.88
C PRO B 246 -3.77 9.17 -26.00
N HIS B 247 -3.56 9.05 -24.69
CA HIS B 247 -4.35 9.78 -23.71
C HIS B 247 -4.54 11.25 -24.05
N GLY B 248 -3.44 11.96 -24.22
CA GLY B 248 -3.50 13.37 -24.54
C GLY B 248 -4.42 13.71 -25.70
N MET B 249 -4.31 12.94 -26.79
CA MET B 249 -5.13 13.19 -27.96
C MET B 249 -6.62 12.91 -27.72
N ALA B 250 -6.90 11.83 -27.00
CA ALA B 250 -8.28 11.46 -26.71
C ALA B 250 -8.97 12.52 -25.86
N VAL B 251 -8.22 13.10 -24.93
CA VAL B 251 -8.76 14.14 -24.06
C VAL B 251 -9.17 15.35 -24.86
N ALA B 252 -8.31 15.77 -25.79
CA ALA B 252 -8.60 16.93 -26.64
C ALA B 252 -9.93 16.72 -27.36
N TYR B 253 -10.12 15.51 -27.90
CA TYR B 253 -11.37 15.20 -28.60
C TYR B 253 -12.52 15.25 -27.61
N GLY B 254 -12.23 14.81 -26.38
CA GLY B 254 -13.23 14.81 -25.33
C GLY B 254 -13.63 16.22 -24.94
N LEU B 255 -12.67 17.14 -24.96
CA LEU B 255 -12.96 18.52 -24.61
C LEU B 255 -13.92 19.14 -25.64
N LEU B 256 -13.77 18.76 -26.90
CA LEU B 256 -14.65 19.30 -27.95
C LEU B 256 -16.08 18.83 -27.67
N TYR B 257 -16.22 17.55 -27.36
CA TYR B 257 -17.54 16.99 -27.05
C TYR B 257 -18.14 17.68 -25.82
N ALA B 258 -17.31 17.87 -24.79
CA ALA B 258 -17.78 18.51 -23.57
C ALA B 258 -18.27 19.93 -23.87
N ALA B 259 -17.56 20.64 -24.75
CA ALA B 259 -17.95 22.00 -25.12
C ALA B 259 -19.32 21.99 -25.79
N LEU B 260 -19.57 20.97 -26.61
CA LEU B 260 -20.86 20.86 -27.28
C LEU B 260 -21.97 20.56 -26.29
N LEU B 261 -21.67 19.77 -25.27
CA LEU B 261 -22.67 19.47 -24.25
C LEU B 261 -23.03 20.77 -23.53
N GLY B 262 -22.01 21.56 -23.20
CA GLY B 262 -22.24 22.81 -22.52
C GLY B 262 -23.12 23.73 -23.33
N ARG B 263 -22.89 23.78 -24.64
CA ARG B 263 -23.68 24.61 -25.54
C ARG B 263 -25.14 24.22 -25.47
N ALA B 264 -25.39 22.90 -25.41
CA ALA B 264 -26.74 22.37 -25.35
C ALA B 264 -27.40 22.53 -23.99
N LEU B 265 -26.61 22.87 -22.97
CA LEU B 265 -27.15 23.05 -21.63
C LEU B 265 -27.15 24.51 -21.19
N GLY B 266 -27.31 25.40 -22.16
CA GLY B 266 -27.38 26.83 -21.87
C GLY B 266 -26.10 27.53 -21.49
N GLY B 267 -24.95 26.97 -21.88
CA GLY B 267 -23.70 27.60 -21.52
C GLY B 267 -23.20 28.61 -22.54
N GLU B 268 -22.02 29.14 -22.29
CA GLU B 268 -21.39 30.08 -23.20
C GLU B 268 -20.76 29.26 -24.31
N ASP B 269 -20.30 29.93 -25.37
CA ASP B 269 -19.68 29.23 -26.49
C ASP B 269 -18.21 28.97 -26.19
N LEU B 270 -17.88 27.73 -25.90
CA LEU B 270 -16.50 27.38 -25.59
C LEU B 270 -15.81 26.64 -26.73
N LEU B 271 -16.48 26.58 -27.89
CA LEU B 271 -15.89 25.90 -29.04
C LEU B 271 -14.66 26.59 -29.62
N PRO B 272 -14.67 27.92 -29.70
CA PRO B 272 -13.48 28.60 -30.25
C PRO B 272 -12.13 28.16 -29.67
N PRO B 273 -11.98 28.21 -28.33
CA PRO B 273 -10.72 27.81 -27.71
C PRO B 273 -10.35 26.36 -28.01
N VAL B 274 -11.34 25.47 -28.02
CA VAL B 274 -11.09 24.06 -28.29
C VAL B 274 -10.69 23.83 -29.76
N ARG B 275 -11.31 24.55 -30.69
CA ARG B 275 -10.94 24.42 -32.09
C ARG B 275 -9.47 24.81 -32.24
N ARG B 276 -9.08 25.89 -31.57
CA ARG B 276 -7.69 26.36 -31.62
C ARG B 276 -6.76 25.26 -31.12
N LEU B 277 -7.16 24.63 -30.01
CA LEU B 277 -6.37 23.56 -29.42
C LEU B 277 -6.19 22.41 -30.40
N LEU B 278 -7.29 21.95 -30.98
CA LEU B 278 -7.24 20.84 -31.91
C LEU B 278 -6.43 21.12 -33.18
N LEU B 279 -6.53 22.33 -33.71
CA LEU B 279 -5.79 22.68 -34.91
C LEU B 279 -4.29 22.75 -34.62
N TRP B 280 -3.93 23.25 -33.44
CA TRP B 280 -2.54 23.37 -33.01
C TRP B 280 -1.96 22.00 -32.68
N LEU B 281 -2.77 21.19 -32.01
CA LEU B 281 -2.38 19.86 -31.60
C LEU B 281 -2.16 18.93 -32.78
N SER B 282 -3.03 19.03 -33.78
CA SER B 282 -2.97 18.19 -34.97
C SER B 282 -2.95 16.72 -34.57
N PRO B 283 -3.95 16.28 -33.79
CA PRO B 283 -4.01 14.87 -33.37
C PRO B 283 -4.28 14.00 -34.57
N PRO B 284 -3.91 12.71 -34.49
CA PRO B 284 -4.16 11.83 -35.63
C PRO B 284 -5.64 11.84 -35.98
N PRO B 285 -5.96 11.91 -37.29
CA PRO B 285 -7.36 11.93 -37.72
C PRO B 285 -8.06 10.68 -37.17
N LEU B 286 -9.35 10.79 -36.91
CA LEU B 286 -10.10 9.66 -36.39
C LEU B 286 -10.74 8.87 -37.51
N PRO B 287 -10.76 7.53 -37.38
CA PRO B 287 -11.38 6.71 -38.42
C PRO B 287 -12.89 6.90 -38.29
N PRO B 288 -13.67 6.42 -39.28
CA PRO B 288 -15.12 6.59 -39.20
C PRO B 288 -15.73 5.87 -37.99
N LEU B 289 -16.76 6.47 -37.41
CA LEU B 289 -17.43 5.88 -36.26
C LEU B 289 -18.83 6.46 -36.03
N ALA B 290 -19.69 5.66 -35.41
CA ALA B 290 -21.05 6.07 -35.12
C ALA B 290 -21.26 6.08 -33.61
N PHE B 291 -22.30 6.78 -33.16
CA PHE B 291 -22.60 6.88 -31.76
C PHE B 291 -22.58 5.53 -31.06
N GLU B 292 -23.33 4.57 -31.60
CA GLU B 292 -23.41 3.24 -31.01
C GLU B 292 -22.05 2.55 -30.81
N ASP B 293 -21.03 3.01 -31.52
CA ASP B 293 -19.71 2.41 -31.38
C ASP B 293 -19.07 2.78 -30.04
N LEU B 294 -19.37 3.98 -29.54
CA LEU B 294 -18.82 4.44 -28.28
C LEU B 294 -19.81 4.24 -27.13
N LEU B 295 -21.09 4.18 -27.48
CA LEU B 295 -22.16 4.01 -26.52
C LEU B 295 -21.84 2.98 -25.43
N PRO B 296 -21.23 1.85 -25.81
CA PRO B 296 -20.88 0.80 -24.84
C PRO B 296 -19.98 1.25 -23.70
N TYR B 297 -19.61 2.53 -23.70
CA TYR B 297 -18.75 3.07 -22.66
C TYR B 297 -19.34 4.36 -22.09
N LEU B 298 -20.54 4.71 -22.56
CA LEU B 298 -21.21 5.92 -22.11
C LEU B 298 -22.45 5.57 -21.28
N SER B 308 -27.00 7.34 -15.12
CA SER B 308 -26.07 6.74 -14.19
C SER B 308 -24.70 7.42 -14.24
N LEU B 309 -24.16 7.51 -15.46
CA LEU B 309 -22.86 8.15 -15.67
C LEU B 309 -22.96 9.67 -15.52
N HIS B 310 -22.12 10.24 -14.64
CA HIS B 310 -22.11 11.69 -14.47
C HIS B 310 -21.05 12.37 -15.33
N TRP B 311 -21.49 13.29 -16.18
CA TRP B 311 -20.61 14.02 -17.07
C TRP B 311 -20.15 15.35 -16.50
N VAL B 312 -18.95 15.77 -16.87
CA VAL B 312 -18.42 17.06 -16.44
C VAL B 312 -18.74 17.98 -17.62
N VAL B 313 -19.63 18.94 -17.39
CA VAL B 313 -20.04 19.86 -18.44
C VAL B 313 -19.61 21.30 -18.18
N PRO B 314 -18.79 21.86 -19.08
CA PRO B 314 -18.31 23.24 -18.92
C PRO B 314 -19.32 24.25 -19.48
N LEU B 315 -19.96 25.02 -18.59
CA LEU B 315 -20.93 26.03 -19.02
C LEU B 315 -20.23 27.34 -19.32
N ALA B 316 -19.08 27.53 -18.68
CA ALA B 316 -18.26 28.72 -18.88
C ALA B 316 -16.90 28.44 -18.28
N PRO B 317 -15.89 29.22 -18.66
CA PRO B 317 -14.57 28.94 -18.08
C PRO B 317 -14.70 29.10 -16.57
N GLY B 318 -14.34 28.06 -15.83
CA GLY B 318 -14.44 28.13 -14.38
C GLY B 318 -15.83 27.84 -13.84
N ARG B 319 -16.78 27.53 -14.71
CA ARG B 319 -18.13 27.23 -14.26
C ARG B 319 -18.57 25.91 -14.88
N LEU B 320 -18.37 24.83 -14.15
CA LEU B 320 -18.72 23.50 -14.64
C LEU B 320 -19.69 22.80 -13.70
N VAL B 321 -20.43 21.84 -14.25
CA VAL B 321 -21.38 21.05 -13.46
C VAL B 321 -21.12 19.58 -13.73
N VAL B 322 -21.45 18.74 -12.76
CA VAL B 322 -21.29 17.30 -12.88
C VAL B 322 -22.69 16.73 -12.80
N ARG B 323 -23.11 16.00 -13.83
CA ARG B 323 -24.45 15.45 -13.85
C ARG B 323 -24.67 14.39 -14.94
N PRO B 324 -25.70 13.55 -14.76
CA PRO B 324 -26.00 12.51 -15.74
C PRO B 324 -26.67 13.20 -16.92
N LEU B 325 -26.63 12.59 -18.10
CA LEU B 325 -27.24 13.21 -19.27
C LEU B 325 -28.12 12.25 -20.06
N PRO B 326 -29.18 12.76 -20.69
CA PRO B 326 -30.12 11.97 -21.48
C PRO B 326 -29.43 11.47 -22.75
N GLU B 327 -29.73 10.25 -23.16
CA GLU B 327 -29.12 9.68 -24.35
C GLU B 327 -29.42 10.55 -25.58
N GLY B 328 -30.61 11.15 -25.60
CA GLY B 328 -30.99 11.99 -26.70
C GLY B 328 -30.03 13.16 -26.86
N LEU B 329 -29.70 13.80 -25.75
CA LEU B 329 -28.80 14.94 -25.76
C LEU B 329 -27.42 14.48 -26.22
N LEU B 330 -27.01 13.30 -25.74
CA LEU B 330 -25.71 12.75 -26.10
C LEU B 330 -25.61 12.50 -27.60
N ARG B 331 -26.68 11.96 -28.18
CA ARG B 331 -26.70 11.69 -29.62
C ARG B 331 -26.61 12.97 -30.42
N GLU B 332 -27.35 13.98 -29.99
CA GLU B 332 -27.36 15.28 -30.64
C GLU B 332 -25.96 15.89 -30.66
N ALA B 333 -25.28 15.83 -29.51
CA ALA B 333 -23.93 16.37 -29.38
C ALA B 333 -22.93 15.61 -30.25
N PHE B 334 -23.09 14.31 -30.32
CA PHE B 334 -22.19 13.47 -31.12
C PHE B 334 -22.30 13.82 -32.60
N ALA B 335 -23.50 14.14 -33.06
CA ALA B 335 -23.70 14.49 -34.46
C ALA B 335 -22.98 15.80 -34.76
N ALA B 336 -23.09 16.75 -33.83
CA ALA B 336 -22.44 18.03 -33.98
C ALA B 336 -20.93 17.83 -33.88
N TRP B 337 -20.53 16.89 -33.02
CA TRP B 337 -19.13 16.58 -32.82
C TRP B 337 -18.51 16.10 -34.13
N ARG B 338 -19.20 15.18 -34.83
CA ARG B 338 -18.67 14.68 -36.08
C ARG B 338 -18.51 15.78 -37.13
N GLU B 339 -19.51 16.65 -37.23
CA GLU B 339 -19.44 17.74 -38.21
C GLU B 339 -18.32 18.72 -37.90
N GLU B 340 -18.07 18.96 -36.61
CA GLU B 340 -17.01 19.86 -36.21
C GLU B 340 -15.68 19.27 -36.67
N LEU B 341 -15.50 17.97 -36.43
CA LEU B 341 -14.27 17.29 -36.82
C LEU B 341 -14.04 17.28 -38.32
N LYS B 342 -15.10 17.18 -39.10
CA LYS B 342 -14.94 17.18 -40.55
C LYS B 342 -14.38 18.55 -40.96
N GLY B 343 -14.90 19.60 -40.35
CA GLY B 343 -14.43 20.94 -40.65
C GLY B 343 -12.99 21.19 -40.27
N LEU B 344 -12.51 20.45 -39.27
CA LEU B 344 -11.13 20.59 -38.80
C LEU B 344 -10.23 19.58 -39.51
N GLY B 345 -10.79 18.86 -40.48
CA GLY B 345 -10.02 17.86 -41.20
C GLY B 345 -9.55 16.72 -40.34
N LEU B 346 -10.33 16.39 -39.31
CA LEU B 346 -9.99 15.31 -38.40
C LEU B 346 -10.90 14.09 -38.50
N LEU B 347 -11.83 14.12 -39.45
CA LEU B 347 -12.76 13.01 -39.64
C LEU B 347 -13.24 12.98 -41.08
N ARG B 348 -13.78 11.84 -41.50
CA ARG B 348 -14.28 11.69 -42.86
C ARG B 348 -13.18 11.89 -43.89
#